data_6NVL
#
_entry.id   6NVL
#
_cell.length_a   93.331
_cell.length_b   83.701
_cell.length_c   102.604
_cell.angle_alpha   90.00
_cell.angle_beta   113.60
_cell.angle_gamma   90.00
#
_symmetry.space_group_name_H-M   'P 1 21 1'
#
loop_
_entity.id
_entity.type
_entity.pdbx_description
1 polymer 'Fibroblast growth factor receptor 1'
2 non-polymer 'SULFATE ION'
3 non-polymer N-[2-({5-[(2,6-dichloro-3,5-dimethoxyphenyl)methoxy]pyrimidin-2-yl}amino)-3-methylphenyl]propanamide
4 water water
#
_entity_poly.entity_id   1
_entity_poly.type   'polypeptide(L)'
_entity_poly.pdbx_seq_one_letter_code
;GAGVSEYELPEDPRWELPRDRLVLGKPLGEGCFGQVVLAEAIGLDKDKPNRVTKVAVKMLKSDATEKDLSDLISEMEMMK
MIGKHKNIINLLGACTQDGPLYVIVEYASKGNLREYLQARRPPGLEYSYNPSHNPEEQLSSKDLVSCAYQVARGMEYLAS
KKCIHRDLAARNVLVTEDNVMKIADFGLARDIHHIDYYKKTTNGRLPVKWMAPEALFDRIYTHQSDVWSFGVLLWEIFTL
GGSPYPGVPVEELFKLLKEGHRMDKPSNCTNELYMMMRDCWHAVPSQRPTFKQLVEDLDRIVALTSNQE
;
_entity_poly.pdbx_strand_id   A,B,C,D
#
loop_
_chem_comp.id
_chem_comp.type
_chem_comp.name
_chem_comp.formula
SO4 non-polymer 'SULFATE ION' 'O4 S -2'
XL6 non-polymer N-[2-({5-[(2,6-dichloro-3,5-dimethoxyphenyl)methoxy]pyrimidin-2-yl}amino)-3-methylphenyl]propanamide 'C23 H24 Cl2 N4 O4'
#
# COMPACT_ATOMS: atom_id res chain seq x y z
N TYR A 7 6.20 -35.49 37.79
CA TYR A 7 4.99 -36.10 37.15
C TYR A 7 5.42 -37.20 36.18
N GLU A 8 4.59 -38.25 36.07
CA GLU A 8 4.80 -39.42 35.18
C GLU A 8 3.53 -39.63 34.35
N LEU A 9 3.68 -39.71 33.01
CA LEU A 9 2.56 -39.87 32.04
C LEU A 9 2.52 -41.29 31.52
N PRO A 10 1.33 -41.84 31.15
CA PRO A 10 1.24 -43.08 30.40
C PRO A 10 1.64 -42.88 28.93
N GLU A 11 2.24 -43.90 28.31
CA GLU A 11 2.64 -43.92 26.88
C GLU A 11 1.53 -44.59 26.04
N ASP A 12 1.14 -43.95 24.95
CA ASP A 12 0.37 -44.58 23.84
C ASP A 12 1.35 -44.75 22.69
N PRO A 13 1.81 -45.99 22.39
CA PRO A 13 2.77 -46.23 21.30
C PRO A 13 2.31 -45.72 19.92
N ARG A 14 0.99 -45.55 19.73
CA ARG A 14 0.38 -44.97 18.50
C ARG A 14 0.82 -43.51 18.32
N TRP A 15 0.90 -42.73 19.40
CA TRP A 15 1.17 -41.27 19.37
C TRP A 15 2.62 -40.95 19.73
N GLU A 16 3.34 -41.87 20.36
CA GLU A 16 4.68 -41.59 20.95
C GLU A 16 5.72 -41.49 19.84
N LEU A 17 6.47 -40.38 19.80
CA LEU A 17 7.65 -40.19 18.91
C LEU A 17 8.91 -40.06 19.77
N PRO A 18 9.98 -40.83 19.46
CA PRO A 18 11.24 -40.70 20.17
C PRO A 18 11.80 -39.27 20.04
N ARG A 19 12.32 -38.73 21.13
CA ARG A 19 12.70 -37.30 21.31
C ARG A 19 13.78 -36.91 20.29
N ASP A 20 14.65 -37.85 19.89
CA ASP A 20 15.77 -37.59 18.96
C ASP A 20 15.26 -37.58 17.49
N ARG A 21 13.98 -37.87 17.25
CA ARG A 21 13.33 -37.76 15.91
C ARG A 21 12.77 -36.36 15.69
N LEU A 22 12.79 -35.50 16.72
CA LEU A 22 12.24 -34.12 16.66
C LEU A 22 13.38 -33.10 16.72
N VAL A 23 13.54 -32.30 15.65
CA VAL A 23 14.56 -31.21 15.53
C VAL A 23 13.86 -29.85 15.71
N LEU A 24 13.95 -29.26 16.90
CA LEU A 24 13.25 -27.99 17.26
C LEU A 24 13.88 -26.84 16.48
N GLY A 25 13.06 -25.86 16.08
CA GLY A 25 13.46 -24.67 15.32
C GLY A 25 13.03 -23.38 16.01
N LYS A 26 12.60 -22.38 15.24
CA LYS A 26 12.33 -20.99 15.74
C LYS A 26 11.07 -20.99 16.59
N PRO A 27 11.10 -20.38 17.80
CA PRO A 27 9.88 -20.06 18.55
C PRO A 27 8.95 -19.07 17.80
N LEU A 28 7.65 -19.10 18.10
CA LEU A 28 6.65 -18.14 17.55
C LEU A 28 6.32 -17.06 18.60
N GLY A 29 6.23 -17.44 19.88
CA GLY A 29 5.94 -16.53 21.00
C GLY A 29 4.53 -15.96 20.95
N GLU A 30 4.29 -14.86 21.66
CA GLU A 30 2.98 -14.14 21.68
C GLU A 30 2.55 -13.91 20.23
N GLY A 31 1.28 -14.19 19.92
CA GLY A 31 0.74 -14.27 18.55
C GLY A 31 0.20 -15.66 18.24
N CYS A 32 0.56 -16.64 19.07
CA CYS A 32 -0.04 -17.99 19.14
C CYS A 32 -0.21 -18.39 20.61
N PHE A 33 -1.31 -19.08 20.95
CA PHE A 33 -1.67 -19.50 22.33
C PHE A 33 -0.60 -20.47 22.85
N GLY A 34 0.07 -20.11 23.95
CA GLY A 34 1.08 -20.95 24.63
C GLY A 34 2.43 -20.92 23.92
N GLN A 35 3.42 -21.57 24.52
CA GLN A 35 4.80 -21.71 24.01
C GLN A 35 4.79 -22.69 22.83
N VAL A 36 4.86 -22.18 21.59
CA VAL A 36 4.82 -22.97 20.33
C VAL A 36 6.16 -22.83 19.60
N VAL A 37 6.72 -23.94 19.12
CA VAL A 37 8.03 -24.00 18.43
C VAL A 37 7.85 -24.71 17.07
N LEU A 38 8.31 -24.10 15.98
CA LEU A 38 8.38 -24.75 14.65
C LEU A 38 9.50 -25.80 14.72
N ALA A 39 9.28 -26.98 14.12
CA ALA A 39 10.22 -28.12 14.23
C ALA A 39 10.12 -29.03 13.01
N GLU A 40 10.99 -30.04 12.97
CA GLU A 40 11.01 -31.10 11.94
C GLU A 40 11.03 -32.45 12.63
N ALA A 41 10.02 -33.28 12.34
CA ALA A 41 9.90 -34.68 12.79
C ALA A 41 10.48 -35.60 11.69
N ILE A 42 11.38 -36.50 12.06
CA ILE A 42 12.03 -37.48 11.13
C ILE A 42 11.31 -38.83 11.27
N GLY A 43 10.86 -39.40 10.15
CA GLY A 43 10.20 -40.72 10.10
C GLY A 43 8.93 -40.74 10.94
N LEU A 44 7.92 -39.98 10.51
CA LEU A 44 6.61 -39.83 11.21
C LEU A 44 5.67 -40.94 10.74
N ASP A 45 5.80 -41.34 9.47
CA ASP A 45 5.22 -42.60 8.90
C ASP A 45 6.28 -43.70 8.98
N LYS A 46 5.95 -44.85 9.58
CA LYS A 46 6.89 -45.97 9.83
C LYS A 46 7.41 -46.52 8.49
N ASP A 47 6.59 -46.46 7.43
CA ASP A 47 6.93 -46.92 6.06
C ASP A 47 8.05 -46.05 5.47
N LYS A 48 8.04 -44.74 5.74
CA LYS A 48 9.02 -43.75 5.22
C LYS A 48 9.81 -43.15 6.38
N PRO A 49 10.79 -43.88 6.97
CA PRO A 49 11.53 -43.39 8.14
C PRO A 49 12.62 -42.35 7.83
N ASN A 50 12.96 -42.18 6.55
CA ASN A 50 13.96 -41.18 6.06
C ASN A 50 13.27 -39.89 5.63
N ARG A 51 11.93 -39.85 5.68
CA ARG A 51 11.15 -38.63 5.31
C ARG A 51 11.17 -37.69 6.51
N VAL A 52 11.36 -36.39 6.26
CA VAL A 52 11.25 -35.28 7.25
C VAL A 52 9.94 -34.50 6.98
N THR A 53 9.13 -34.31 8.03
CA THR A 53 7.86 -33.56 8.00
C THR A 53 7.98 -32.31 8.88
N LYS A 54 7.62 -31.14 8.34
CA LYS A 54 7.49 -29.88 9.11
C LYS A 54 6.28 -30.01 10.04
N VAL A 55 6.45 -29.61 11.31
CA VAL A 55 5.42 -29.70 12.37
C VAL A 55 5.52 -28.48 13.30
N ALA A 56 4.42 -28.18 13.99
CA ALA A 56 4.36 -27.24 15.13
C ALA A 56 4.41 -28.06 16.43
N VAL A 57 5.03 -27.52 17.48
CA VAL A 57 5.16 -28.19 18.80
C VAL A 57 4.63 -27.23 19.86
N LYS A 58 3.75 -27.71 20.74
CA LYS A 58 3.32 -26.99 21.96
C LYS A 58 3.99 -27.63 23.17
N MET A 59 4.50 -26.81 24.08
CA MET A 59 5.23 -27.24 25.31
C MET A 59 4.96 -26.21 26.42
N LEU A 60 5.47 -26.47 27.62
CA LEU A 60 5.26 -25.61 28.81
C LEU A 60 6.40 -24.61 28.92
N LYS A 61 6.09 -23.38 29.36
CA LYS A 61 7.07 -22.33 29.75
C LYS A 61 7.87 -22.83 30.95
N SER A 62 8.98 -22.16 31.28
CA SER A 62 9.85 -22.50 32.44
C SER A 62 9.07 -22.30 33.75
N ASP A 63 8.14 -21.35 33.79
CA ASP A 63 7.38 -20.91 34.99
C ASP A 63 5.96 -21.51 34.99
N ALA A 64 5.78 -22.72 34.44
CA ALA A 64 4.47 -23.34 34.19
C ALA A 64 3.92 -23.94 35.49
N THR A 65 2.66 -23.64 35.82
CA THR A 65 1.94 -24.13 37.02
C THR A 65 1.47 -25.58 36.79
N GLU A 66 0.75 -26.14 37.76
CA GLU A 66 0.10 -27.49 37.66
C GLU A 66 -1.14 -27.39 36.76
N LYS A 67 -1.81 -26.23 36.72
CA LYS A 67 -2.98 -26.00 35.82
C LYS A 67 -2.48 -26.06 34.36
N ASP A 68 -1.35 -25.40 34.08
CA ASP A 68 -0.76 -25.27 32.72
C ASP A 68 -0.45 -26.65 32.15
N LEU A 69 0.19 -27.51 32.94
CA LEU A 69 0.51 -28.91 32.57
C LEU A 69 -0.79 -29.64 32.19
N SER A 70 -1.78 -29.61 33.08
CA SER A 70 -3.08 -30.34 32.93
C SER A 70 -3.87 -29.76 31.76
N ASP A 71 -3.77 -28.45 31.53
CA ASP A 71 -4.35 -27.73 30.36
C ASP A 71 -3.77 -28.33 29.07
N LEU A 72 -2.46 -28.56 29.03
CA LEU A 72 -1.76 -29.06 27.81
C LEU A 72 -2.07 -30.55 27.60
N ILE A 73 -2.26 -31.30 28.70
CA ILE A 73 -2.61 -32.76 28.65
C ILE A 73 -4.07 -32.92 28.19
N SER A 74 -4.98 -32.10 28.70
CA SER A 74 -6.43 -32.15 28.34
C SER A 74 -6.59 -31.82 26.86
N GLU A 75 -5.89 -30.77 26.40
CA GLU A 75 -5.89 -30.35 24.96
C GLU A 75 -5.45 -31.53 24.09
N MET A 76 -4.30 -32.15 24.40
CA MET A 76 -3.73 -33.30 23.67
C MET A 76 -4.74 -34.45 23.61
N GLU A 77 -5.35 -34.77 24.75
CA GLU A 77 -6.29 -35.92 24.89
C GLU A 77 -7.59 -35.62 24.12
N MET A 78 -8.07 -34.37 24.19
N MET A 78 -8.08 -34.38 24.18
CA MET A 78 -9.29 -33.90 23.46
CA MET A 78 -9.31 -33.95 23.46
C MET A 78 -9.09 -34.06 21.94
C MET A 78 -9.09 -34.05 21.94
N MET A 79 -7.85 -33.86 21.45
CA MET A 79 -7.52 -33.98 20.00
C MET A 79 -7.49 -35.45 19.57
N LYS A 80 -7.23 -36.38 20.50
CA LYS A 80 -7.35 -37.83 20.26
C LYS A 80 -8.83 -38.19 20.15
N MET A 81 -9.64 -37.81 21.15
CA MET A 81 -11.12 -38.02 21.16
C MET A 81 -11.69 -37.62 19.79
N ILE A 82 -11.41 -36.38 19.37
CA ILE A 82 -12.04 -35.71 18.18
C ILE A 82 -11.66 -36.46 16.90
N GLY A 83 -10.40 -36.88 16.77
CA GLY A 83 -9.91 -37.61 15.58
C GLY A 83 -9.54 -36.66 14.45
N LYS A 84 -9.24 -37.22 13.28
CA LYS A 84 -8.59 -36.50 12.14
C LYS A 84 -9.64 -36.00 11.14
N HIS A 85 -9.51 -34.75 10.70
CA HIS A 85 -10.19 -34.15 9.51
C HIS A 85 -9.16 -33.28 8.79
N LYS A 86 -9.25 -33.15 7.46
CA LYS A 86 -8.24 -32.39 6.68
C LYS A 86 -8.38 -30.89 6.97
N ASN A 87 -9.55 -30.45 7.47
CA ASN A 87 -9.87 -29.02 7.71
C ASN A 87 -9.77 -28.65 9.20
N ILE A 88 -9.09 -29.47 10.02
CA ILE A 88 -8.66 -29.09 11.40
C ILE A 88 -7.14 -29.27 11.50
N ILE A 89 -6.49 -28.61 12.47
CA ILE A 89 -5.05 -28.85 12.79
C ILE A 89 -5.00 -30.17 13.56
N ASN A 90 -4.43 -31.21 12.93
CA ASN A 90 -4.47 -32.60 13.43
C ASN A 90 -3.33 -32.81 14.42
N LEU A 91 -3.57 -33.61 15.46
CA LEU A 91 -2.53 -34.20 16.32
C LEU A 91 -1.74 -35.22 15.46
N LEU A 92 -0.42 -35.09 15.40
CA LEU A 92 0.48 -36.03 14.68
C LEU A 92 1.20 -36.93 15.69
N GLY A 93 1.54 -36.43 16.88
CA GLY A 93 2.29 -37.21 17.88
C GLY A 93 2.58 -36.44 19.16
N ALA A 94 3.31 -37.06 20.08
CA ALA A 94 3.70 -36.49 21.40
C ALA A 94 5.02 -37.12 21.90
N CYS A 95 5.74 -36.37 22.74
CA CYS A 95 6.88 -36.85 23.56
C CYS A 95 6.50 -36.70 25.04
N THR A 96 6.17 -37.81 25.71
CA THR A 96 5.52 -37.81 27.05
C THR A 96 6.46 -38.33 28.15
N GLN A 97 7.61 -38.92 27.78
CA GLN A 97 8.39 -39.83 28.67
C GLN A 97 9.68 -39.17 29.19
N ASP A 98 10.80 -39.27 28.45
CA ASP A 98 12.18 -39.04 28.99
C ASP A 98 12.53 -37.54 28.90
N GLY A 99 11.68 -36.69 29.48
CA GLY A 99 11.78 -35.22 29.40
C GLY A 99 10.41 -34.57 29.35
N PRO A 100 10.33 -33.23 29.15
CA PRO A 100 9.06 -32.51 29.24
C PRO A 100 8.05 -32.86 28.14
N LEU A 101 6.78 -32.52 28.38
CA LEU A 101 5.66 -32.79 27.46
C LEU A 101 5.80 -31.91 26.20
N TYR A 102 5.93 -32.55 25.03
CA TYR A 102 5.73 -31.94 23.69
C TYR A 102 4.47 -32.54 23.05
N VAL A 103 3.52 -31.69 22.63
CA VAL A 103 2.36 -32.08 21.77
C VAL A 103 2.63 -31.58 20.35
N ILE A 104 2.65 -32.48 19.36
CA ILE A 104 3.14 -32.23 17.99
C ILE A 104 1.94 -32.22 17.04
N VAL A 105 1.79 -31.13 16.27
CA VAL A 105 0.61 -30.90 15.38
C VAL A 105 1.10 -30.53 13.98
N GLU A 106 0.18 -30.46 13.01
CA GLU A 106 0.44 -30.16 11.58
C GLU A 106 0.98 -28.73 11.43
N TYR A 107 1.90 -28.56 10.48
CA TYR A 107 2.52 -27.28 10.08
C TYR A 107 1.63 -26.61 9.02
N ALA A 108 1.31 -25.33 9.23
CA ALA A 108 0.55 -24.48 8.30
C ALA A 108 1.46 -23.32 7.87
N SER A 109 2.17 -23.50 6.74
CA SER A 109 3.32 -22.67 6.28
C SER A 109 2.90 -21.22 6.03
N LYS A 110 1.63 -20.97 5.67
CA LYS A 110 1.14 -19.64 5.21
C LYS A 110 0.44 -18.88 6.35
N GLY A 111 0.56 -19.33 7.61
CA GLY A 111 0.04 -18.64 8.80
C GLY A 111 -1.48 -18.66 8.89
N ASN A 112 -2.04 -17.69 9.61
CA ASN A 112 -3.50 -17.58 9.89
C ASN A 112 -4.21 -16.95 8.69
N LEU A 113 -5.53 -17.17 8.60
CA LEU A 113 -6.40 -16.78 7.46
C LEU A 113 -6.45 -15.25 7.32
N ARG A 114 -6.43 -14.50 8.43
CA ARG A 114 -6.52 -13.01 8.40
C ARG A 114 -5.30 -12.42 7.69
N GLU A 115 -4.10 -12.87 8.06
CA GLU A 115 -2.83 -12.39 7.44
C GLU A 115 -2.79 -12.81 5.98
N TYR A 116 -3.23 -14.04 5.68
CA TYR A 116 -3.27 -14.64 4.31
C TYR A 116 -4.17 -13.81 3.39
N LEU A 117 -5.36 -13.45 3.89
CA LEU A 117 -6.33 -12.61 3.15
C LEU A 117 -5.76 -11.20 2.99
N GLN A 118 -5.21 -10.61 4.06
CA GLN A 118 -4.70 -9.22 4.07
C GLN A 118 -3.53 -9.12 3.08
N ALA A 119 -2.62 -10.10 3.07
CA ALA A 119 -1.40 -10.11 2.23
C ALA A 119 -1.76 -10.25 0.75
N ARG A 120 -2.93 -10.79 0.43
CA ARG A 120 -3.41 -11.00 -0.96
C ARG A 120 -4.43 -9.93 -1.35
N ARG A 121 -4.48 -8.81 -0.61
CA ARG A 121 -5.25 -7.60 -1.01
C ARG A 121 -4.57 -6.93 -2.19
N PRO A 122 -5.32 -6.24 -3.09
CA PRO A 122 -4.70 -5.47 -4.17
C PRO A 122 -3.83 -4.37 -3.55
N PRO A 123 -2.63 -4.10 -4.10
CA PRO A 123 -1.75 -3.07 -3.55
C PRO A 123 -2.24 -1.65 -3.90
N GLN A 138 -3.35 -12.79 -5.65
CA GLN A 138 -4.75 -12.31 -5.40
C GLN A 138 -5.74 -13.48 -5.54
N LEU A 139 -6.94 -13.31 -4.99
CA LEU A 139 -7.95 -14.38 -4.79
C LEU A 139 -9.19 -14.11 -5.65
N SER A 140 -9.64 -15.13 -6.39
CA SER A 140 -10.93 -15.14 -7.10
C SER A 140 -12.08 -15.34 -6.10
N SER A 141 -13.31 -15.00 -6.50
CA SER A 141 -14.56 -15.27 -5.73
C SER A 141 -14.61 -16.75 -5.31
N LYS A 142 -14.17 -17.66 -6.18
CA LYS A 142 -14.26 -19.13 -5.96
C LYS A 142 -13.34 -19.53 -4.80
N ASP A 143 -12.09 -19.03 -4.82
CA ASP A 143 -11.12 -19.17 -3.69
C ASP A 143 -11.80 -18.79 -2.36
N LEU A 144 -12.48 -17.64 -2.30
CA LEU A 144 -13.05 -17.09 -1.05
C LEU A 144 -14.23 -17.94 -0.60
N VAL A 145 -15.06 -18.43 -1.52
CA VAL A 145 -16.23 -19.29 -1.19
C VAL A 145 -15.71 -20.68 -0.82
N SER A 146 -14.65 -21.15 -1.50
CA SER A 146 -13.96 -22.42 -1.23
C SER A 146 -13.28 -22.40 0.15
N CYS A 147 -12.81 -21.23 0.58
N CYS A 147 -12.80 -21.23 0.58
CA CYS A 147 -12.23 -20.96 1.92
CA CYS A 147 -12.23 -21.00 1.94
C CYS A 147 -13.33 -21.14 2.99
C CYS A 147 -13.34 -21.18 2.98
N ALA A 148 -14.46 -20.46 2.80
CA ALA A 148 -15.64 -20.52 3.69
C ALA A 148 -16.17 -21.95 3.75
N TYR A 149 -16.18 -22.64 2.61
CA TYR A 149 -16.61 -24.07 2.49
C TYR A 149 -15.73 -24.94 3.38
N GLN A 150 -14.40 -24.76 3.29
CA GLN A 150 -13.41 -25.58 4.04
C GLN A 150 -13.53 -25.31 5.53
N VAL A 151 -13.65 -24.05 5.94
CA VAL A 151 -13.87 -23.65 7.36
C VAL A 151 -15.17 -24.26 7.87
N ALA A 152 -16.19 -24.36 7.02
CA ALA A 152 -17.51 -24.95 7.34
C ALA A 152 -17.37 -26.47 7.52
N ARG A 153 -16.67 -27.15 6.60
CA ARG A 153 -16.44 -28.62 6.68
C ARG A 153 -15.70 -28.97 7.98
N GLY A 154 -14.68 -28.18 8.36
CA GLY A 154 -13.94 -28.35 9.63
C GLY A 154 -14.85 -28.22 10.83
N MET A 155 -15.67 -27.16 10.87
CA MET A 155 -16.59 -26.86 12.00
C MET A 155 -17.73 -27.88 12.05
N GLU A 156 -18.23 -28.32 10.90
CA GLU A 156 -19.28 -29.39 10.81
C GLU A 156 -18.74 -30.64 11.50
N TYR A 157 -17.49 -31.01 11.24
CA TYR A 157 -16.80 -32.19 11.82
C TYR A 157 -16.62 -32.02 13.32
N LEU A 158 -16.08 -30.88 13.75
CA LEU A 158 -15.89 -30.54 15.19
C LEU A 158 -17.24 -30.61 15.93
N ALA A 159 -18.32 -30.11 15.32
CA ALA A 159 -19.67 -30.12 15.91
C ALA A 159 -20.12 -31.57 16.14
N SER A 160 -19.89 -32.45 15.17
CA SER A 160 -20.31 -33.86 15.20
C SER A 160 -19.64 -34.59 16.37
N LYS A 161 -18.42 -34.16 16.76
CA LYS A 161 -17.66 -34.69 17.91
C LYS A 161 -17.93 -33.85 19.17
N LYS A 162 -19.00 -33.06 19.18
CA LYS A 162 -19.47 -32.29 20.37
C LYS A 162 -18.43 -31.26 20.81
N CYS A 163 -17.60 -30.74 19.88
CA CYS A 163 -16.56 -29.73 20.19
C CYS A 163 -17.08 -28.32 19.86
N ILE A 164 -17.31 -27.51 20.90
CA ILE A 164 -17.65 -26.06 20.80
C ILE A 164 -16.34 -25.27 20.84
N HIS A 165 -16.09 -24.44 19.82
CA HIS A 165 -14.81 -23.71 19.63
C HIS A 165 -14.71 -22.53 20.61
N ARG A 166 -15.73 -21.66 20.61
CA ARG A 166 -15.92 -20.51 21.55
C ARG A 166 -15.09 -19.28 21.14
N ASP A 167 -14.28 -19.38 20.08
CA ASP A 167 -13.50 -18.22 19.58
C ASP A 167 -13.16 -18.43 18.09
N LEU A 168 -14.18 -18.75 17.29
CA LEU A 168 -14.01 -18.96 15.83
C LEU A 168 -13.82 -17.60 15.17
N ALA A 169 -12.68 -17.39 14.52
CA ALA A 169 -12.35 -16.17 13.75
C ALA A 169 -11.25 -16.52 12.75
N ALA A 170 -11.05 -15.70 11.73
CA ALA A 170 -10.03 -15.89 10.68
C ALA A 170 -8.66 -16.13 11.35
N ARG A 171 -8.32 -15.37 12.39
CA ARG A 171 -7.04 -15.49 13.16
C ARG A 171 -6.87 -16.91 13.71
N ASN A 172 -7.96 -17.65 13.96
CA ASN A 172 -7.93 -19.03 14.50
C ASN A 172 -8.18 -20.05 13.40
N VAL A 173 -8.08 -19.65 12.13
CA VAL A 173 -7.92 -20.59 10.99
C VAL A 173 -6.49 -20.44 10.48
N LEU A 174 -5.81 -21.54 10.16
CA LEU A 174 -4.46 -21.54 9.55
C LEU A 174 -4.57 -22.06 8.11
N VAL A 175 -3.59 -21.73 7.27
CA VAL A 175 -3.55 -22.11 5.83
C VAL A 175 -2.25 -22.88 5.55
N THR A 176 -2.34 -24.06 4.94
CA THR A 176 -1.19 -24.94 4.63
C THR A 176 -0.54 -24.49 3.32
N GLU A 177 0.57 -25.14 2.94
CA GLU A 177 1.34 -24.87 1.70
C GLU A 177 0.45 -25.15 0.48
N ASP A 178 -0.59 -26.00 0.62
CA ASP A 178 -1.55 -26.34 -0.46
C ASP A 178 -2.85 -25.54 -0.32
N ASN A 179 -2.84 -24.44 0.43
CA ASN A 179 -4.01 -23.51 0.61
C ASN A 179 -5.20 -24.27 1.20
N VAL A 180 -4.96 -25.24 2.09
CA VAL A 180 -6.03 -25.96 2.85
C VAL A 180 -6.29 -25.17 4.14
N MET A 181 -7.55 -24.91 4.45
CA MET A 181 -7.99 -24.16 5.66
C MET A 181 -8.09 -25.16 6.83
N LYS A 182 -7.33 -24.91 7.90
CA LYS A 182 -7.26 -25.79 9.09
C LYS A 182 -7.70 -24.99 10.32
N ILE A 183 -8.77 -25.41 10.98
CA ILE A 183 -9.26 -24.79 12.24
C ILE A 183 -8.22 -25.05 13.33
N ALA A 184 -7.93 -24.02 14.13
CA ALA A 184 -6.88 -24.02 15.18
C ALA A 184 -7.52 -23.76 16.55
N ASP A 185 -6.84 -24.17 17.62
CA ASP A 185 -7.16 -23.86 19.05
C ASP A 185 -8.57 -24.37 19.41
N PHE A 186 -9.01 -25.51 18.84
CA PHE A 186 -10.37 -26.06 19.06
C PHE A 186 -10.43 -26.90 20.35
N GLY A 187 -9.28 -27.31 20.90
CA GLY A 187 -9.22 -28.20 22.09
C GLY A 187 -8.93 -27.43 23.39
N LEU A 188 -9.42 -26.20 23.51
CA LEU A 188 -9.22 -25.33 24.72
C LEU A 188 -10.52 -25.25 25.51
N TYR A 197 -13.40 -8.71 30.18
CA TYR A 197 -13.94 -7.42 29.66
C TYR A 197 -13.57 -7.27 28.17
N TYR A 198 -13.89 -6.11 27.58
CA TYR A 198 -13.64 -5.76 26.16
C TYR A 198 -12.29 -5.03 26.03
N LYS A 199 -11.19 -5.74 26.30
CA LYS A 199 -9.79 -5.25 26.14
C LYS A 199 -9.10 -6.04 25.01
N LYS A 200 -8.11 -5.41 24.35
CA LYS A 200 -7.43 -5.95 23.14
C LYS A 200 -6.60 -7.19 23.53
N THR A 201 -6.04 -7.89 22.52
CA THR A 201 -5.07 -9.00 22.71
C THR A 201 -3.66 -8.45 22.51
N ASN A 203 -1.68 -9.04 19.60
CA ASN A 203 -2.35 -9.21 18.28
C ASN A 203 -3.21 -7.98 17.96
N GLY A 204 -3.86 -7.39 18.98
CA GLY A 204 -4.67 -6.16 18.87
C GLY A 204 -6.13 -6.42 18.58
N ARG A 205 -6.55 -7.69 18.55
CA ARG A 205 -7.94 -8.14 18.26
C ARG A 205 -8.84 -7.87 19.48
N LEU A 206 -10.12 -7.57 19.27
CA LEU A 206 -11.15 -7.45 20.32
C LEU A 206 -12.16 -8.59 20.17
N PRO A 207 -11.95 -9.75 20.83
CA PRO A 207 -12.80 -10.94 20.65
C PRO A 207 -14.32 -10.73 20.67
N VAL A 208 -14.82 -9.80 21.49
CA VAL A 208 -16.28 -9.53 21.69
C VAL A 208 -17.00 -9.39 20.33
N LYS A 209 -16.31 -8.88 19.31
CA LYS A 209 -16.90 -8.64 17.96
C LYS A 209 -17.28 -9.97 17.28
N TRP A 210 -16.78 -11.11 17.77
CA TRP A 210 -17.04 -12.47 17.22
C TRP A 210 -18.06 -13.24 18.08
N MET A 211 -18.44 -12.70 19.23
CA MET A 211 -19.29 -13.40 20.24
C MET A 211 -20.77 -13.18 19.91
N ALA A 212 -21.57 -14.25 19.99
CA ALA A 212 -23.05 -14.20 19.91
C ALA A 212 -23.57 -13.47 21.14
N PRO A 213 -24.73 -12.81 21.06
CA PRO A 213 -25.33 -12.11 22.20
C PRO A 213 -25.50 -12.94 23.49
N GLU A 214 -25.94 -14.20 23.35
CA GLU A 214 -26.13 -15.13 24.50
C GLU A 214 -24.77 -15.36 25.19
N ALA A 215 -23.68 -15.35 24.42
CA ALA A 215 -22.29 -15.53 24.94
C ALA A 215 -21.86 -14.24 25.64
N LEU A 216 -22.08 -13.11 24.97
CA LEU A 216 -21.73 -11.74 25.46
C LEU A 216 -22.45 -11.47 26.78
N PHE A 217 -23.77 -11.67 26.83
CA PHE A 217 -24.69 -11.18 27.89
C PHE A 217 -24.96 -12.26 28.95
N ASP A 218 -25.07 -13.54 28.57
CA ASP A 218 -25.49 -14.64 29.48
C ASP A 218 -24.37 -15.67 29.68
N ARG A 219 -23.19 -15.46 29.07
CA ARG A 219 -22.02 -16.36 29.21
C ARG A 219 -22.41 -17.78 28.75
N ILE A 220 -23.26 -17.86 27.72
CA ILE A 220 -23.77 -19.13 27.11
C ILE A 220 -23.03 -19.39 25.80
N TYR A 221 -22.41 -20.57 25.68
CA TYR A 221 -21.68 -21.03 24.46
C TYR A 221 -22.27 -22.37 24.01
N THR A 222 -22.78 -22.41 22.78
CA THR A 222 -23.32 -23.62 22.11
C THR A 222 -22.69 -23.72 20.72
N HIS A 223 -23.04 -24.77 19.97
CA HIS A 223 -22.71 -24.94 18.53
C HIS A 223 -23.30 -23.79 17.71
N GLN A 224 -24.40 -23.21 18.20
CA GLN A 224 -25.16 -22.11 17.54
C GLN A 224 -24.41 -20.80 17.69
N SER A 225 -23.66 -20.64 18.79
CA SER A 225 -22.79 -19.48 19.09
C SER A 225 -21.57 -19.49 18.17
N ASP A 226 -21.12 -20.68 17.76
CA ASP A 226 -20.02 -20.86 16.78
C ASP A 226 -20.52 -20.53 15.38
N VAL A 227 -21.79 -20.79 15.10
CA VAL A 227 -22.43 -20.45 13.80
C VAL A 227 -22.55 -18.92 13.69
N TRP A 228 -22.78 -18.22 14.81
CA TRP A 228 -22.76 -16.75 14.87
C TRP A 228 -21.36 -16.27 14.48
N SER A 229 -20.33 -16.83 15.11
CA SER A 229 -18.91 -16.46 14.90
C SER A 229 -18.50 -16.79 13.46
N PHE A 230 -19.06 -17.87 12.88
CA PHE A 230 -18.82 -18.28 11.48
C PHE A 230 -19.32 -17.19 10.53
N GLY A 231 -20.51 -16.64 10.84
CA GLY A 231 -21.08 -15.46 10.14
C GLY A 231 -20.08 -14.32 10.08
N VAL A 232 -19.42 -14.04 11.19
CA VAL A 232 -18.42 -12.93 11.31
C VAL A 232 -17.17 -13.34 10.53
N LEU A 233 -16.85 -14.64 10.49
CA LEU A 233 -15.69 -15.17 9.72
C LEU A 233 -15.98 -15.06 8.22
N LEU A 234 -17.21 -15.33 7.77
CA LEU A 234 -17.64 -15.14 6.35
C LEU A 234 -17.40 -13.68 5.97
N TRP A 235 -17.88 -12.76 6.81
CA TRP A 235 -17.68 -11.30 6.65
C TRP A 235 -16.18 -10.99 6.53
N GLU A 236 -15.36 -11.60 7.40
CA GLU A 236 -13.87 -11.46 7.37
C GLU A 236 -13.33 -11.89 5.99
N ILE A 237 -13.79 -13.04 5.46
CA ILE A 237 -13.27 -13.61 4.19
C ILE A 237 -13.59 -12.65 3.03
N PHE A 238 -14.80 -12.10 2.98
CA PHE A 238 -15.29 -11.31 1.80
C PHE A 238 -14.79 -9.87 1.86
N THR A 239 -14.30 -9.37 3.00
CA THR A 239 -13.63 -8.05 3.13
C THR A 239 -12.11 -8.22 3.11
N LEU A 240 -11.62 -9.42 2.77
CA LEU A 240 -10.17 -9.78 2.75
C LEU A 240 -9.52 -9.35 4.08
N GLY A 241 -10.16 -9.67 5.20
CA GLY A 241 -9.58 -9.57 6.56
C GLY A 241 -9.85 -8.24 7.22
N GLY A 242 -11.01 -7.62 6.96
CA GLY A 242 -11.42 -6.35 7.58
C GLY A 242 -11.82 -6.51 9.05
N SER A 243 -11.88 -5.40 9.78
CA SER A 243 -12.39 -5.31 11.18
C SER A 243 -13.91 -5.34 11.18
N PRO A 244 -14.57 -6.33 11.84
CA PRO A 244 -16.02 -6.35 11.92
C PRO A 244 -16.58 -5.08 12.59
N TYR A 245 -17.79 -4.68 12.19
CA TYR A 245 -18.55 -3.51 12.70
C TYR A 245 -17.73 -2.23 12.47
N PRO A 246 -17.51 -1.82 11.19
CA PRO A 246 -16.75 -0.60 10.90
C PRO A 246 -17.42 0.65 11.49
N GLY A 247 -16.62 1.54 12.05
CA GLY A 247 -17.05 2.82 12.63
C GLY A 247 -17.85 2.66 13.91
N VAL A 248 -17.94 1.45 14.47
CA VAL A 248 -18.66 1.20 15.75
C VAL A 248 -17.63 1.18 16.87
N PRO A 249 -17.66 2.13 17.83
CA PRO A 249 -16.89 1.99 19.07
C PRO A 249 -17.37 0.76 19.85
N VAL A 250 -16.46 0.10 20.58
CA VAL A 250 -16.74 -1.12 21.36
C VAL A 250 -17.78 -0.79 22.42
N GLU A 251 -17.69 0.42 23.01
CA GLU A 251 -18.54 0.90 24.13
C GLU A 251 -20.03 0.77 23.74
N GLU A 252 -20.38 1.07 22.49
CA GLU A 252 -21.80 1.16 22.03
C GLU A 252 -22.16 -0.01 21.11
N LEU A 253 -21.30 -1.04 21.02
CA LEU A 253 -21.57 -2.26 20.21
C LEU A 253 -22.67 -3.09 20.89
N PHE A 254 -22.61 -3.23 22.22
CA PHE A 254 -23.58 -3.99 23.06
C PHE A 254 -25.01 -3.49 22.78
N LYS A 255 -25.24 -2.18 22.89
CA LYS A 255 -26.56 -1.53 22.68
C LYS A 255 -27.05 -1.82 21.25
N LEU A 256 -26.18 -1.71 20.24
CA LEU A 256 -26.53 -1.92 18.81
C LEU A 256 -27.00 -3.37 18.58
N LEU A 257 -26.33 -4.36 19.17
CA LEU A 257 -26.74 -5.79 19.03
C LEU A 257 -28.13 -6.00 19.64
N LYS A 258 -28.36 -5.46 20.84
CA LYS A 258 -29.65 -5.53 21.58
C LYS A 258 -30.75 -4.86 20.75
N GLU A 259 -30.41 -3.81 19.99
CA GLU A 259 -31.33 -3.08 19.06
C GLU A 259 -31.60 -3.90 17.79
N GLY A 260 -30.78 -4.92 17.51
CA GLY A 260 -30.93 -5.81 16.34
C GLY A 260 -30.03 -5.42 15.18
N HIS A 261 -29.02 -4.59 15.41
CA HIS A 261 -28.04 -4.17 14.37
C HIS A 261 -27.17 -5.36 13.95
N ARG A 262 -26.95 -5.49 12.65
CA ARG A 262 -26.00 -6.47 12.04
C ARG A 262 -25.09 -5.71 11.07
N MET A 263 -23.94 -6.29 10.75
CA MET A 263 -23.01 -5.74 9.74
C MET A 263 -23.73 -5.74 8.37
N ASP A 264 -23.53 -4.67 7.60
CA ASP A 264 -24.05 -4.54 6.22
C ASP A 264 -23.22 -5.44 5.30
N LYS A 265 -23.70 -5.64 4.08
CA LYS A 265 -23.09 -6.54 3.06
C LYS A 265 -21.80 -5.93 2.53
N PRO A 266 -20.68 -6.69 2.48
CA PRO A 266 -19.48 -6.25 1.78
C PRO A 266 -19.67 -6.36 0.25
N SER A 267 -18.92 -5.58 -0.52
CA SER A 267 -19.10 -5.41 -1.99
C SER A 267 -18.61 -6.64 -2.79
N ASN A 268 -17.66 -7.41 -2.27
CA ASN A 268 -17.09 -8.62 -2.96
C ASN A 268 -17.92 -9.84 -2.59
N CYS A 269 -19.25 -9.71 -2.52
CA CYS A 269 -20.17 -10.67 -1.84
C CYS A 269 -21.51 -10.69 -2.57
N THR A 270 -22.12 -11.87 -2.75
CA THR A 270 -23.45 -12.04 -3.41
C THR A 270 -24.54 -11.97 -2.35
N ASN A 271 -25.79 -11.65 -2.77
CA ASN A 271 -26.99 -11.56 -1.90
C ASN A 271 -27.20 -12.91 -1.19
N GLU A 272 -26.97 -14.01 -1.91
CA GLU A 272 -27.08 -15.39 -1.37
C GLU A 272 -26.15 -15.52 -0.16
N LEU A 273 -24.88 -15.15 -0.32
CA LEU A 273 -23.87 -15.28 0.76
C LEU A 273 -24.19 -14.33 1.92
N TYR A 274 -24.67 -13.11 1.64
CA TYR A 274 -25.09 -12.14 2.69
C TYR A 274 -26.33 -12.66 3.44
N MET A 275 -27.28 -13.28 2.74
CA MET A 275 -28.47 -13.93 3.36
C MET A 275 -28.00 -15.04 4.32
N MET A 276 -26.87 -15.69 4.00
CA MET A 276 -26.24 -16.77 4.82
C MET A 276 -25.65 -16.16 6.09
N MET A 277 -24.97 -15.01 5.98
CA MET A 277 -24.43 -14.25 7.15
C MET A 277 -25.56 -13.88 8.11
N ARG A 278 -26.62 -13.24 7.60
CA ARG A 278 -27.78 -12.75 8.38
C ARG A 278 -28.46 -13.91 9.09
N ASP A 279 -28.49 -15.08 8.44
CA ASP A 279 -29.10 -16.32 8.99
C ASP A 279 -28.25 -16.80 10.16
N CYS A 280 -26.92 -16.76 10.02
CA CYS A 280 -25.95 -17.09 11.10
C CYS A 280 -26.16 -16.14 12.29
N TRP A 281 -26.57 -14.89 12.03
CA TRP A 281 -26.69 -13.80 13.05
C TRP A 281 -28.13 -13.67 13.56
N HIS A 282 -28.98 -14.69 13.39
CA HIS A 282 -30.34 -14.75 14.00
C HIS A 282 -30.22 -14.56 15.51
N ALA A 283 -31.02 -13.66 16.10
CA ALA A 283 -31.01 -13.30 17.55
C ALA A 283 -31.31 -14.53 18.42
N VAL A 284 -32.16 -15.44 17.94
CA VAL A 284 -32.55 -16.69 18.67
C VAL A 284 -31.65 -17.83 18.18
N PRO A 285 -30.78 -18.39 19.05
CA PRO A 285 -29.82 -19.42 18.62
C PRO A 285 -30.42 -20.63 17.88
N SER A 286 -31.65 -21.03 18.23
CA SER A 286 -32.35 -22.22 17.68
C SER A 286 -32.80 -21.97 16.24
N GLN A 287 -32.77 -20.72 15.75
CA GLN A 287 -33.26 -20.34 14.40
C GLN A 287 -32.10 -20.15 13.43
N ARG A 288 -30.85 -20.12 13.90
CA ARG A 288 -29.64 -20.09 13.04
C ARG A 288 -29.52 -21.41 12.29
N PRO A 289 -28.88 -21.45 11.11
CA PRO A 289 -28.59 -22.73 10.44
C PRO A 289 -27.53 -23.53 11.21
N THR A 290 -27.49 -24.86 11.02
CA THR A 290 -26.43 -25.76 11.54
C THR A 290 -25.26 -25.76 10.54
N PHE A 291 -24.07 -26.19 10.97
CA PHE A 291 -22.86 -26.28 10.11
C PHE A 291 -23.12 -27.30 9.00
N LYS A 292 -23.81 -28.40 9.30
CA LYS A 292 -24.27 -29.37 8.27
C LYS A 292 -25.00 -28.60 7.16
N GLN A 293 -25.99 -27.78 7.52
CA GLN A 293 -26.83 -27.00 6.56
C GLN A 293 -25.93 -26.02 5.77
N LEU A 294 -24.99 -25.35 6.45
CA LEU A 294 -24.06 -24.37 5.83
C LEU A 294 -23.13 -25.04 4.81
N VAL A 295 -22.62 -26.24 5.13
CA VAL A 295 -21.72 -26.99 4.20
C VAL A 295 -22.48 -27.32 2.92
N GLU A 296 -23.75 -27.72 3.02
CA GLU A 296 -24.61 -28.14 1.88
C GLU A 296 -24.79 -26.94 0.94
N ASP A 297 -25.17 -25.79 1.50
CA ASP A 297 -25.39 -24.51 0.76
C ASP A 297 -24.06 -24.07 0.12
N LEU A 298 -22.96 -24.08 0.88
CA LEU A 298 -21.63 -23.62 0.39
C LEU A 298 -21.07 -24.58 -0.65
N ASP A 299 -21.32 -25.88 -0.50
CA ASP A 299 -20.98 -26.90 -1.52
C ASP A 299 -21.57 -26.47 -2.87
N ARG A 300 -22.87 -26.14 -2.86
CA ARG A 300 -23.64 -25.72 -4.07
C ARG A 300 -23.05 -24.42 -4.63
N ILE A 301 -22.79 -23.43 -3.76
CA ILE A 301 -22.34 -22.07 -4.18
C ILE A 301 -20.92 -22.15 -4.77
N VAL A 302 -20.07 -23.05 -4.28
CA VAL A 302 -18.67 -23.23 -4.80
C VAL A 302 -18.75 -23.67 -6.26
N ALA A 303 -19.72 -24.53 -6.58
CA ALA A 303 -19.95 -25.08 -7.94
C ALA A 303 -20.54 -24.00 -8.86
N LEU A 304 -21.43 -23.16 -8.34
CA LEU A 304 -22.11 -22.06 -9.09
C LEU A 304 -21.16 -20.87 -9.28
N THR A 305 -20.20 -20.66 -8.37
CA THR A 305 -19.18 -19.57 -8.46
C THR A 305 -18.11 -19.98 -9.49
N SER A 306 -17.80 -19.07 -10.42
CA SER A 306 -16.81 -19.27 -11.51
C SER A 306 -15.41 -18.83 -11.06
N ASN A 307 -14.37 -19.32 -11.73
CA ASN A 307 -12.95 -19.04 -11.41
C ASN A 307 -12.52 -17.71 -12.07
N GLN A 308 -13.43 -17.05 -12.81
CA GLN A 308 -13.21 -15.70 -13.40
C GLN A 308 -14.07 -14.64 -12.70
N GLU A 309 -15.06 -15.05 -11.89
CA GLU A 309 -16.04 -14.15 -11.22
C GLU A 309 -15.39 -13.44 -10.01
N SER B 5 -20.22 49.88 13.24
CA SER B 5 -20.81 48.53 13.55
C SER B 5 -20.88 48.33 15.07
N GLU B 6 -19.91 48.89 15.79
CA GLU B 6 -19.92 48.94 17.27
C GLU B 6 -21.15 49.72 17.76
N TYR B 7 -21.61 50.70 16.97
CA TYR B 7 -22.73 51.61 17.33
C TYR B 7 -23.89 51.44 16.36
N GLU B 8 -23.60 51.43 15.05
CA GLU B 8 -24.60 51.32 13.96
C GLU B 8 -24.06 50.37 12.89
N LEU B 9 -24.81 49.34 12.51
CA LEU B 9 -24.46 48.45 11.36
C LEU B 9 -24.91 49.13 10.07
N PRO B 10 -24.13 48.99 8.96
CA PRO B 10 -24.56 49.48 7.65
C PRO B 10 -25.92 48.90 7.24
N GLU B 11 -26.83 49.76 6.80
CA GLU B 11 -28.15 49.34 6.23
C GLU B 11 -27.87 48.54 4.95
N ASP B 12 -28.65 47.47 4.73
CA ASP B 12 -28.76 46.74 3.44
C ASP B 12 -30.23 46.42 3.21
N PRO B 13 -31.00 47.37 2.60
CA PRO B 13 -32.40 47.15 2.24
C PRO B 13 -32.76 45.79 1.61
N ARG B 14 -31.90 45.26 0.73
CA ARG B 14 -32.14 43.99 -0.02
C ARG B 14 -32.47 42.83 0.94
N TRP B 15 -31.87 42.80 2.14
CA TRP B 15 -31.89 41.63 3.05
C TRP B 15 -32.66 41.90 4.34
N GLU B 16 -32.95 43.16 4.65
CA GLU B 16 -33.47 43.59 5.99
C GLU B 16 -34.90 43.07 6.16
N LEU B 17 -35.12 42.23 7.18
CA LEU B 17 -36.49 41.89 7.66
C LEU B 17 -36.79 42.76 8.88
N PRO B 18 -38.00 43.34 8.98
CA PRO B 18 -38.45 43.99 10.21
C PRO B 18 -38.58 42.96 11.34
N ARG B 19 -38.20 43.35 12.56
CA ARG B 19 -38.19 42.49 13.78
C ARG B 19 -39.58 41.95 14.12
N ASP B 20 -40.65 42.69 13.83
CA ASP B 20 -42.05 42.28 14.16
C ASP B 20 -42.55 41.22 13.18
N ARG B 21 -41.75 40.86 12.17
CA ARG B 21 -42.09 39.78 11.21
C ARG B 21 -41.37 38.49 11.63
N LEU B 22 -40.55 38.53 12.69
CA LEU B 22 -39.77 37.37 13.19
C LEU B 22 -40.27 36.97 14.57
N VAL B 23 -40.72 35.71 14.71
CA VAL B 23 -41.27 35.08 15.96
C VAL B 23 -40.28 34.04 16.46
N LEU B 24 -39.46 34.38 17.46
CA LEU B 24 -38.36 33.51 17.98
C LEU B 24 -38.96 32.36 18.79
N GLY B 25 -38.44 31.14 18.60
CA GLY B 25 -38.84 29.90 19.30
C GLY B 25 -37.70 29.29 20.11
N LYS B 26 -37.54 27.96 20.02
CA LYS B 26 -36.56 27.16 20.81
C LYS B 26 -35.13 27.45 20.32
N PRO B 27 -34.19 27.76 21.25
CA PRO B 27 -32.76 27.76 20.93
C PRO B 27 -32.24 26.47 20.28
N GLN B 35 -24.94 30.04 18.91
CA GLN B 35 -26.22 30.57 19.45
C GLN B 35 -27.26 30.64 18.32
N VAL B 36 -27.89 29.50 18.04
CA VAL B 36 -28.91 29.34 16.96
C VAL B 36 -30.29 29.22 17.63
N VAL B 37 -31.29 29.95 17.11
CA VAL B 37 -32.69 29.91 17.60
C VAL B 37 -33.58 29.55 16.40
N LEU B 38 -34.38 28.49 16.52
CA LEU B 38 -35.45 28.13 15.56
C LEU B 38 -36.56 29.18 15.70
N ALA B 39 -37.20 29.57 14.60
CA ALA B 39 -38.18 30.68 14.57
C ALA B 39 -39.13 30.54 13.38
N GLU B 40 -40.12 31.43 13.31
CA GLU B 40 -41.04 31.58 12.15
C GLU B 40 -40.98 33.03 11.67
N ALA B 41 -40.94 33.23 10.35
CA ALA B 41 -40.94 34.55 9.68
C ALA B 41 -42.28 34.73 8.97
N ILE B 42 -42.91 35.90 9.11
CA ILE B 42 -44.22 36.20 8.49
C ILE B 42 -43.99 37.01 7.21
N GLY B 43 -44.46 36.48 6.09
CA GLY B 43 -44.39 37.11 4.75
C GLY B 43 -42.96 37.36 4.32
N LEU B 44 -42.27 36.31 3.88
CA LEU B 44 -41.01 36.45 3.11
C LEU B 44 -41.35 36.50 1.62
N ASP B 45 -42.30 35.67 1.17
CA ASP B 45 -42.84 35.66 -0.23
C ASP B 45 -44.03 36.63 -0.34
N LYS B 46 -43.80 37.84 -0.86
CA LYS B 46 -44.80 38.93 -1.00
C LYS B 46 -45.73 38.64 -2.19
N PRO B 49 -47.46 35.46 1.46
CA PRO B 49 -47.76 36.74 2.12
C PRO B 49 -48.32 36.56 3.54
N ASN B 50 -49.37 35.75 3.65
CA ASN B 50 -50.09 35.43 4.92
C ASN B 50 -49.61 34.08 5.46
N ARG B 51 -48.56 33.52 4.87
CA ARG B 51 -47.93 32.25 5.33
C ARG B 51 -46.75 32.60 6.25
N VAL B 52 -46.41 31.68 7.16
CA VAL B 52 -45.16 31.72 7.99
C VAL B 52 -44.18 30.70 7.41
N THR B 53 -42.94 31.14 7.23
CA THR B 53 -41.79 30.27 6.85
C THR B 53 -41.07 29.93 8.15
N LYS B 54 -40.90 28.63 8.43
CA LYS B 54 -39.96 28.13 9.47
C LYS B 54 -38.56 28.53 9.02
N VAL B 55 -37.75 29.06 9.95
CA VAL B 55 -36.38 29.56 9.67
C VAL B 55 -35.50 29.22 10.88
N ALA B 56 -34.19 29.42 10.73
CA ALA B 56 -33.19 29.37 11.82
C ALA B 56 -32.54 30.76 11.92
N VAL B 57 -32.27 31.23 13.14
CA VAL B 57 -31.70 32.57 13.41
C VAL B 57 -30.42 32.42 14.24
N LYS B 58 -29.29 32.92 13.72
CA LYS B 58 -28.03 33.07 14.49
C LYS B 58 -27.95 34.49 15.05
N MET B 59 -27.50 34.59 16.31
CA MET B 59 -27.29 35.84 17.07
C MET B 59 -26.09 35.62 18.01
N LEU B 60 -25.58 36.68 18.61
CA LEU B 60 -24.45 36.62 19.58
C LEU B 60 -25.01 36.25 20.96
N LYS B 61 -24.21 35.54 21.76
CA LYS B 61 -24.46 35.34 23.22
C LYS B 61 -24.28 36.69 23.91
N SER B 62 -24.86 36.84 25.11
CA SER B 62 -24.75 38.04 26.00
C SER B 62 -23.29 38.45 26.22
N ASP B 63 -22.39 37.47 26.30
CA ASP B 63 -20.96 37.66 26.67
C ASP B 63 -20.09 37.86 25.42
N ALA B 64 -20.69 38.13 24.24
CA ALA B 64 -19.97 38.33 22.96
C ALA B 64 -19.19 39.66 22.97
N THR B 65 -18.13 39.74 22.15
CA THR B 65 -17.16 40.85 22.05
C THR B 65 -17.29 41.53 20.68
N GLU B 66 -16.62 42.67 20.48
CA GLU B 66 -16.50 43.39 19.18
C GLU B 66 -16.06 42.39 18.09
N LYS B 67 -15.09 41.52 18.41
CA LYS B 67 -14.49 40.53 17.48
C LYS B 67 -15.54 39.50 17.05
N ASP B 68 -16.35 39.00 18.00
CA ASP B 68 -17.45 38.02 17.74
C ASP B 68 -18.48 38.64 16.80
N LEU B 69 -18.87 39.90 17.01
CA LEU B 69 -19.83 40.60 16.11
C LEU B 69 -19.27 40.63 14.69
N SER B 70 -18.01 41.01 14.52
CA SER B 70 -17.34 41.15 13.19
C SER B 70 -17.23 39.77 12.52
N ASP B 71 -17.15 38.69 13.31
CA ASP B 71 -17.19 37.28 12.81
C ASP B 71 -18.58 36.95 12.27
N LEU B 72 -19.65 37.34 12.99
CA LEU B 72 -21.06 37.13 12.57
C LEU B 72 -21.38 38.02 11.38
N ILE B 73 -20.82 39.23 11.33
CA ILE B 73 -20.99 40.18 10.18
C ILE B 73 -20.23 39.65 8.97
N SER B 74 -19.02 39.11 9.17
CA SER B 74 -18.21 38.42 8.11
C SER B 74 -19.01 37.26 7.51
N GLU B 75 -19.55 36.39 8.35
CA GLU B 75 -20.38 35.21 7.96
C GLU B 75 -21.57 35.68 7.11
N MET B 76 -22.32 36.67 7.60
CA MET B 76 -23.49 37.24 6.86
C MET B 76 -23.03 37.75 5.50
N GLU B 77 -22.01 38.60 5.45
CA GLU B 77 -21.56 39.28 4.20
C GLU B 77 -21.05 38.24 3.20
N MET B 78 -20.37 37.21 3.69
CA MET B 78 -19.81 36.08 2.89
C MET B 78 -20.94 35.30 2.21
N MET B 79 -22.06 35.09 2.92
CA MET B 79 -23.23 34.31 2.43
C MET B 79 -23.92 35.07 1.29
N LYS B 80 -23.90 36.41 1.34
CA LYS B 80 -24.43 37.29 0.25
C LYS B 80 -23.57 37.14 -1.00
N MET B 81 -22.24 37.22 -0.85
CA MET B 81 -21.26 37.10 -1.96
C MET B 81 -21.41 35.73 -2.64
N ILE B 82 -21.61 34.66 -1.85
CA ILE B 82 -21.65 33.26 -2.37
C ILE B 82 -22.93 33.05 -3.18
N GLY B 83 -24.05 33.61 -2.74
CA GLY B 83 -25.34 33.51 -3.44
C GLY B 83 -26.04 32.19 -3.15
N LYS B 84 -27.11 31.89 -3.90
CA LYS B 84 -28.04 30.77 -3.66
C LYS B 84 -27.54 29.49 -4.35
N HIS B 85 -27.64 28.35 -3.65
CA HIS B 85 -27.48 26.97 -4.17
C HIS B 85 -28.36 26.04 -3.32
N LYS B 86 -28.98 25.05 -3.94
CA LYS B 86 -30.00 24.19 -3.27
C LYS B 86 -29.33 23.28 -2.25
N ASN B 87 -28.03 23.01 -2.39
CA ASN B 87 -27.27 22.08 -1.52
C ASN B 87 -26.41 22.86 -0.52
N ILE B 88 -26.78 24.10 -0.20
CA ILE B 88 -26.24 24.85 0.97
C ILE B 88 -27.41 25.44 1.78
N ILE B 89 -27.17 25.73 3.06
CA ILE B 89 -28.11 26.53 3.89
C ILE B 89 -27.98 27.97 3.44
N ASN B 90 -29.02 28.51 2.79
CA ASN B 90 -28.99 29.83 2.10
C ASN B 90 -29.43 30.93 3.07
N LEU B 91 -28.95 32.14 2.83
CA LEU B 91 -29.36 33.38 3.54
C LEU B 91 -30.77 33.78 3.06
N LEU B 92 -31.66 34.10 3.99
CA LEU B 92 -33.06 34.51 3.70
C LEU B 92 -33.27 35.98 4.06
N GLY B 93 -32.54 36.49 5.04
CA GLY B 93 -32.67 37.89 5.51
C GLY B 93 -31.90 38.13 6.80
N ALA B 94 -32.01 39.35 7.33
CA ALA B 94 -31.30 39.78 8.56
C ALA B 94 -32.03 40.96 9.20
N CYS B 95 -31.96 41.03 10.53
CA CYS B 95 -32.29 42.22 11.36
C CYS B 95 -30.96 42.80 11.87
N THR B 96 -30.62 44.03 11.47
CA THR B 96 -29.27 44.64 11.71
C THR B 96 -29.35 46.00 12.41
N GLN B 97 -30.52 46.64 12.49
CA GLN B 97 -30.61 48.13 12.63
C GLN B 97 -30.79 48.57 14.09
N ASP B 98 -31.95 48.35 14.71
CA ASP B 98 -32.25 48.97 16.04
C ASP B 98 -32.29 47.87 17.11
N GLY B 99 -31.18 47.14 17.27
CA GLY B 99 -31.07 46.05 18.25
C GLY B 99 -30.07 44.97 17.81
N PRO B 100 -30.04 43.80 18.50
CA PRO B 100 -29.01 42.80 18.26
C PRO B 100 -29.12 42.23 16.84
N LEU B 101 -27.99 41.93 16.22
CA LEU B 101 -27.91 41.32 14.87
C LEU B 101 -28.54 39.93 14.92
N TYR B 102 -29.54 39.70 14.07
CA TYR B 102 -30.13 38.37 13.76
C TYR B 102 -29.83 38.06 12.29
N VAL B 103 -29.23 36.90 12.02
CA VAL B 103 -28.94 36.42 10.64
C VAL B 103 -29.88 35.22 10.37
N ILE B 104 -30.82 35.40 9.42
CA ILE B 104 -31.94 34.45 9.16
C ILE B 104 -31.56 33.56 7.96
N VAL B 105 -31.61 32.24 8.14
CA VAL B 105 -31.22 31.24 7.10
C VAL B 105 -32.29 30.15 7.04
N GLU B 106 -32.21 29.31 6.00
CA GLU B 106 -33.17 28.21 5.72
C GLU B 106 -33.20 27.22 6.88
N TYR B 107 -34.40 26.72 7.20
CA TYR B 107 -34.69 25.69 8.23
C TYR B 107 -34.64 24.32 7.56
N ALA B 108 -34.01 23.34 8.19
CA ALA B 108 -33.93 21.93 7.75
C ALA B 108 -34.58 21.03 8.80
N SER B 109 -35.78 20.51 8.53
CA SER B 109 -36.70 19.90 9.54
C SER B 109 -36.13 18.61 10.14
N LYS B 110 -35.22 17.91 9.45
CA LYS B 110 -34.74 16.55 9.84
C LYS B 110 -33.31 16.60 10.42
N GLY B 111 -32.81 17.79 10.75
CA GLY B 111 -31.55 17.98 11.51
C GLY B 111 -30.30 17.59 10.74
N ASN B 112 -29.20 17.33 11.45
CA ASN B 112 -27.85 17.06 10.86
C ASN B 112 -27.84 15.63 10.29
N LEU B 113 -27.01 15.42 9.26
CA LEU B 113 -26.90 14.14 8.50
C LEU B 113 -26.40 13.01 9.42
N ARG B 114 -25.41 13.32 10.28
CA ARG B 114 -24.84 12.42 11.32
C ARG B 114 -25.97 11.65 12.03
N GLU B 115 -26.86 12.37 12.72
CA GLU B 115 -27.93 11.79 13.57
C GLU B 115 -28.99 11.10 12.69
N TYR B 116 -29.29 11.65 11.52
CA TYR B 116 -30.20 11.06 10.48
C TYR B 116 -29.68 9.69 10.06
N LEU B 117 -28.36 9.55 9.88
CA LEU B 117 -27.73 8.26 9.50
C LEU B 117 -27.78 7.29 10.68
N GLN B 118 -27.42 7.75 11.88
CA GLN B 118 -27.31 6.91 13.10
C GLN B 118 -28.70 6.38 13.51
N ALA B 119 -29.75 7.17 13.32
CA ALA B 119 -31.17 6.79 13.59
C ALA B 119 -31.60 5.61 12.71
N ARG B 120 -31.03 5.49 11.50
CA ARG B 120 -31.37 4.44 10.51
C ARG B 120 -30.23 3.41 10.36
N ARG B 121 -29.32 3.35 11.34
CA ARG B 121 -28.17 2.39 11.34
C ARG B 121 -28.58 1.03 11.92
N PRO B 122 -29.36 0.95 13.04
CA PRO B 122 -29.77 -0.34 13.60
C PRO B 122 -30.35 -1.30 12.56
N PRO B 123 -31.42 -0.94 11.82
CA PRO B 123 -31.79 -1.71 10.64
C PRO B 123 -30.79 -1.35 9.53
N GLY B 124 -30.35 -2.33 8.74
CA GLY B 124 -29.28 -2.11 7.74
C GLY B 124 -29.79 -1.35 6.53
N LEU B 125 -29.27 -1.66 5.34
CA LEU B 125 -29.77 -1.16 4.05
C LEU B 125 -30.89 -2.08 3.54
N GLU B 126 -31.50 -1.74 2.39
CA GLU B 126 -32.57 -2.52 1.72
C GLU B 126 -31.94 -3.35 0.59
N GLN B 138 -35.88 3.41 6.68
CA GLN B 138 -34.75 2.58 6.19
C GLN B 138 -34.18 3.17 4.89
N LEU B 139 -32.85 3.14 4.74
CA LEU B 139 -32.11 3.69 3.56
C LEU B 139 -31.73 2.56 2.59
N SER B 140 -31.24 2.95 1.41
CA SER B 140 -30.72 2.06 0.35
C SER B 140 -29.38 2.60 -0.17
N SER B 141 -28.65 1.80 -0.95
CA SER B 141 -27.39 2.18 -1.63
C SER B 141 -27.61 3.47 -2.44
N LYS B 142 -28.73 3.55 -3.18
CA LYS B 142 -29.07 4.69 -4.08
C LYS B 142 -29.19 5.97 -3.25
N ASP B 143 -29.71 5.86 -2.02
CA ASP B 143 -29.88 7.03 -1.10
C ASP B 143 -28.51 7.56 -0.69
N LEU B 144 -27.61 6.68 -0.23
CA LEU B 144 -26.27 7.03 0.30
C LEU B 144 -25.43 7.70 -0.78
N VAL B 145 -25.49 7.23 -2.02
CA VAL B 145 -24.69 7.80 -3.15
C VAL B 145 -25.27 9.16 -3.54
N SER B 146 -26.60 9.26 -3.65
CA SER B 146 -27.34 10.53 -3.89
C SER B 146 -26.96 11.56 -2.82
N CYS B 147 -26.94 11.15 -1.56
CA CYS B 147 -26.56 11.98 -0.39
C CYS B 147 -25.14 12.53 -0.59
N ALA B 148 -24.20 11.67 -0.98
CA ALA B 148 -22.76 12.02 -1.19
C ALA B 148 -22.61 12.94 -2.40
N TYR B 149 -23.35 12.65 -3.48
CA TYR B 149 -23.38 13.44 -4.74
C TYR B 149 -23.86 14.87 -4.45
N GLN B 150 -24.87 15.00 -3.59
CA GLN B 150 -25.49 16.30 -3.21
C GLN B 150 -24.51 17.14 -2.38
N VAL B 151 -23.79 16.52 -1.45
CA VAL B 151 -22.77 17.22 -0.62
C VAL B 151 -21.66 17.72 -1.54
N ALA B 152 -21.22 16.88 -2.49
CA ALA B 152 -20.15 17.22 -3.46
C ALA B 152 -20.58 18.42 -4.29
N ARG B 153 -21.82 18.43 -4.80
CA ARG B 153 -22.38 19.54 -5.61
C ARG B 153 -22.31 20.84 -4.78
N GLY B 154 -22.85 20.79 -3.56
CA GLY B 154 -22.79 21.87 -2.56
C GLY B 154 -21.36 22.38 -2.40
N MET B 155 -20.42 21.46 -2.20
CA MET B 155 -18.98 21.78 -1.97
C MET B 155 -18.33 22.33 -3.25
N GLU B 156 -18.63 21.78 -4.42
CA GLU B 156 -18.10 22.28 -5.72
C GLU B 156 -18.49 23.75 -5.90
N TYR B 157 -19.75 24.10 -5.62
CA TYR B 157 -20.27 25.48 -5.75
C TYR B 157 -19.48 26.39 -4.79
N LEU B 158 -19.44 26.03 -3.51
CA LEU B 158 -18.74 26.80 -2.43
C LEU B 158 -17.29 27.07 -2.85
N ALA B 159 -16.59 26.05 -3.38
CA ALA B 159 -15.17 26.13 -3.81
C ALA B 159 -15.02 27.07 -5.01
N SER B 160 -15.94 26.99 -5.98
CA SER B 160 -16.02 27.88 -7.16
C SER B 160 -16.14 29.34 -6.72
N LYS B 161 -16.83 29.60 -5.60
CA LYS B 161 -17.01 30.96 -5.01
C LYS B 161 -15.96 31.24 -3.92
N LYS B 162 -14.81 30.56 -3.95
CA LYS B 162 -13.61 30.87 -3.13
C LYS B 162 -13.86 30.59 -1.65
N CYS B 163 -14.81 29.70 -1.31
CA CYS B 163 -15.21 29.40 0.10
C CYS B 163 -14.54 28.12 0.59
N ILE B 164 -13.75 28.22 1.66
CA ILE B 164 -13.14 27.07 2.41
C ILE B 164 -13.97 26.80 3.67
N HIS B 165 -14.61 25.64 3.76
CA HIS B 165 -15.50 25.24 4.88
C HIS B 165 -14.72 25.18 6.21
N ARG B 166 -13.74 24.27 6.32
CA ARG B 166 -12.79 24.13 7.46
C ARG B 166 -13.20 22.97 8.39
N ASP B 167 -14.49 22.66 8.54
CA ASP B 167 -14.96 21.51 9.37
C ASP B 167 -16.08 20.77 8.63
N LEU B 168 -15.83 20.35 7.39
CA LEU B 168 -16.77 19.53 6.59
C LEU B 168 -16.92 18.15 7.25
N ALA B 169 -18.15 17.79 7.62
CA ALA B 169 -18.50 16.54 8.32
C ALA B 169 -20.02 16.35 8.30
N ALA B 170 -20.49 15.10 8.42
CA ALA B 170 -21.92 14.74 8.55
C ALA B 170 -22.59 15.64 9.60
N ARG B 171 -21.88 15.97 10.69
CA ARG B 171 -22.35 16.92 11.74
C ARG B 171 -22.82 18.24 11.09
N ASN B 172 -22.04 18.75 10.12
CA ASN B 172 -22.22 20.09 9.48
C ASN B 172 -22.90 19.95 8.10
N VAL B 173 -23.79 18.97 7.95
CA VAL B 173 -24.68 18.76 6.77
C VAL B 173 -26.09 18.55 7.31
N LEU B 174 -27.06 19.37 6.89
CA LEU B 174 -28.46 19.28 7.37
C LEU B 174 -29.33 18.65 6.28
N VAL B 175 -30.49 18.14 6.68
CA VAL B 175 -31.45 17.40 5.80
C VAL B 175 -32.82 18.11 5.85
N THR B 176 -33.33 18.59 4.71
CA THR B 176 -34.64 19.27 4.59
C THR B 176 -35.77 18.23 4.66
N GLU B 177 -37.02 18.71 4.71
CA GLU B 177 -38.26 17.89 4.74
C GLU B 177 -38.32 16.97 3.51
N ASP B 178 -37.74 17.42 2.38
CA ASP B 178 -37.73 16.68 1.08
C ASP B 178 -36.41 15.90 0.92
N ASN B 179 -35.71 15.62 2.02
CA ASN B 179 -34.47 14.79 2.07
C ASN B 179 -33.39 15.38 1.15
N VAL B 180 -33.35 16.72 1.02
CA VAL B 180 -32.30 17.48 0.29
C VAL B 180 -31.15 17.77 1.28
N MET B 181 -29.91 17.53 0.85
CA MET B 181 -28.70 17.73 1.69
C MET B 181 -28.25 19.18 1.52
N LYS B 182 -28.04 19.88 2.63
CA LYS B 182 -27.64 21.31 2.67
C LYS B 182 -26.44 21.49 3.61
N ILE B 183 -25.31 21.91 3.06
CA ILE B 183 -24.04 22.16 3.83
C ILE B 183 -24.26 23.37 4.74
N ALA B 184 -23.89 23.21 6.01
CA ALA B 184 -24.13 24.14 7.12
C ALA B 184 -22.80 24.76 7.55
N ASP B 185 -22.86 25.96 8.13
CA ASP B 185 -21.76 26.67 8.84
C ASP B 185 -20.49 26.68 7.97
N PHE B 186 -20.59 27.24 6.77
CA PHE B 186 -19.50 27.32 5.76
C PHE B 186 -18.88 28.72 5.71
N GLY B 187 -19.52 29.72 6.30
CA GLY B 187 -19.12 31.15 6.20
C GLY B 187 -18.35 31.62 7.43
N LEU B 188 -17.89 30.70 8.28
CA LEU B 188 -17.18 31.00 9.55
C LEU B 188 -15.76 31.52 9.26
N PRO B 207 -13.55 16.52 16.18
CA PRO B 207 -13.25 17.22 14.92
C PRO B 207 -11.91 16.84 14.26
N VAL B 208 -10.87 16.62 15.05
CA VAL B 208 -9.49 16.31 14.59
C VAL B 208 -9.49 15.16 13.58
N LYS B 209 -10.40 14.20 13.73
CA LYS B 209 -10.47 12.94 12.92
C LYS B 209 -10.97 13.23 11.49
N TRP B 210 -11.41 14.46 11.20
CA TRP B 210 -11.93 14.88 9.87
C TRP B 210 -10.93 15.80 9.17
N MET B 211 -9.85 16.19 9.85
CA MET B 211 -8.87 17.19 9.34
C MET B 211 -7.77 16.49 8.57
N ALA B 212 -7.35 17.10 7.46
CA ALA B 212 -6.15 16.71 6.68
C ALA B 212 -4.92 16.91 7.56
N PRO B 213 -3.86 16.08 7.43
CA PRO B 213 -2.64 16.25 8.22
C PRO B 213 -2.12 17.70 8.27
N GLU B 214 -2.13 18.41 7.14
CA GLU B 214 -1.57 19.80 7.05
C GLU B 214 -2.51 20.79 7.74
N ALA B 215 -3.80 20.45 7.87
CA ALA B 215 -4.77 21.22 8.69
C ALA B 215 -4.47 20.98 10.17
N LEU B 216 -4.19 19.71 10.53
CA LEU B 216 -3.97 19.25 11.93
C LEU B 216 -2.66 19.83 12.46
N PHE B 217 -1.55 19.57 11.77
CA PHE B 217 -0.18 19.94 12.20
C PHE B 217 0.05 21.44 11.99
N ASP B 218 -0.12 21.94 10.76
CA ASP B 218 0.37 23.28 10.33
C ASP B 218 -0.76 24.31 10.21
N ARG B 219 -1.99 23.96 10.58
CA ARG B 219 -3.17 24.86 10.52
C ARG B 219 -3.35 25.42 9.10
N ILE B 220 -3.05 24.62 8.07
CA ILE B 220 -3.18 25.00 6.63
C ILE B 220 -4.55 24.52 6.14
N TYR B 221 -5.43 25.47 5.77
CA TYR B 221 -6.81 25.22 5.29
C TYR B 221 -6.93 25.68 3.83
N THR B 222 -7.26 24.74 2.94
CA THR B 222 -7.45 24.96 1.48
C THR B 222 -8.61 24.11 0.99
N HIS B 223 -8.99 24.23 -0.28
CA HIS B 223 -10.01 23.36 -0.93
C HIS B 223 -9.58 21.91 -0.80
N GLN B 224 -8.28 21.63 -0.94
N GLN B 224 -8.27 21.65 -0.95
CA GLN B 224 -7.70 20.26 -0.94
CA GLN B 224 -7.65 20.31 -0.94
C GLN B 224 -7.77 19.68 0.48
C GLN B 224 -7.79 19.69 0.47
N SER B 225 -7.79 20.53 1.51
CA SER B 225 -8.03 20.10 2.93
C SER B 225 -9.51 19.75 3.13
N ASP B 226 -10.43 20.48 2.47
CA ASP B 226 -11.88 20.16 2.47
C ASP B 226 -12.11 18.81 1.77
N VAL B 227 -11.31 18.48 0.75
CA VAL B 227 -11.44 17.21 -0.02
C VAL B 227 -11.08 16.02 0.89
N TRP B 228 -10.05 16.15 1.72
CA TRP B 228 -9.70 15.14 2.76
C TRP B 228 -10.95 14.90 3.62
N SER B 229 -11.56 15.98 4.10
CA SER B 229 -12.75 15.96 4.99
C SER B 229 -13.93 15.29 4.27
N PHE B 230 -14.08 15.54 2.96
CA PHE B 230 -15.10 14.89 2.11
C PHE B 230 -14.89 13.37 2.11
N GLY B 231 -13.64 12.91 2.06
CA GLY B 231 -13.30 11.47 2.16
C GLY B 231 -13.81 10.85 3.45
N VAL B 232 -13.62 11.54 4.58
CA VAL B 232 -14.10 11.08 5.91
C VAL B 232 -15.64 11.10 5.91
N LEU B 233 -16.26 12.08 5.22
CA LEU B 233 -17.73 12.23 5.11
C LEU B 233 -18.31 11.02 4.35
N LEU B 234 -17.79 10.72 3.16
CA LEU B 234 -18.17 9.51 2.39
C LEU B 234 -18.18 8.32 3.35
N TRP B 235 -17.06 8.11 4.04
CA TRP B 235 -16.86 7.05 5.05
C TRP B 235 -17.97 7.09 6.11
N GLU B 236 -18.40 8.29 6.55
CA GLU B 236 -19.52 8.46 7.52
C GLU B 236 -20.84 7.97 6.91
N ILE B 237 -21.11 8.38 5.67
CA ILE B 237 -22.34 8.04 4.91
C ILE B 237 -22.44 6.51 4.78
N PHE B 238 -21.37 5.84 4.38
CA PHE B 238 -21.36 4.39 4.05
C PHE B 238 -21.18 3.52 5.29
N THR B 239 -21.01 4.08 6.48
CA THR B 239 -21.05 3.33 7.77
C THR B 239 -22.29 3.72 8.57
N LEU B 240 -23.20 4.51 7.98
CA LEU B 240 -24.47 4.99 8.60
C LEU B 240 -24.16 5.67 9.95
N GLY B 241 -23.18 6.58 9.98
CA GLY B 241 -22.87 7.44 11.14
C GLY B 241 -21.66 6.96 11.94
N GLY B 242 -20.78 6.17 11.31
CA GLY B 242 -19.61 5.57 11.98
C GLY B 242 -18.67 6.61 12.57
N SER B 243 -18.02 6.27 13.68
CA SER B 243 -16.99 7.08 14.38
C SER B 243 -15.63 6.77 13.78
N PRO B 244 -15.02 7.66 12.97
CA PRO B 244 -13.79 7.33 12.27
C PRO B 244 -12.66 6.99 13.25
N TYR B 245 -11.72 6.14 12.81
CA TYR B 245 -10.60 5.60 13.62
C TYR B 245 -11.13 5.23 15.00
N PRO B 246 -12.15 4.35 15.09
CA PRO B 246 -12.83 4.09 16.36
C PRO B 246 -11.88 3.47 17.39
N GLY B 247 -11.76 4.10 18.57
CA GLY B 247 -10.94 3.61 19.68
C GLY B 247 -9.49 4.10 19.61
N VAL B 248 -9.08 4.71 18.49
CA VAL B 248 -7.72 5.28 18.31
C VAL B 248 -7.65 6.61 19.04
N PRO B 249 -6.76 6.78 20.04
CA PRO B 249 -6.59 8.08 20.71
C PRO B 249 -5.92 9.11 19.78
N VAL B 250 -5.94 10.38 20.18
CA VAL B 250 -5.50 11.55 19.36
C VAL B 250 -3.99 11.46 19.10
N GLU B 251 -3.19 11.19 20.15
CA GLU B 251 -1.70 11.07 20.09
C GLU B 251 -1.30 10.01 19.05
N GLU B 252 -2.05 8.90 18.98
CA GLU B 252 -1.75 7.74 18.09
C GLU B 252 -2.13 8.06 16.64
N LEU B 253 -3.07 9.00 16.43
CA LEU B 253 -3.60 9.38 15.09
C LEU B 253 -2.52 10.08 14.25
N PHE B 254 -1.77 11.01 14.85
CA PHE B 254 -0.65 11.74 14.19
C PHE B 254 0.33 10.72 13.60
N LYS B 255 0.75 9.74 14.40
CA LYS B 255 1.71 8.68 14.01
C LYS B 255 1.08 7.86 12.89
N LEU B 256 -0.15 7.40 13.09
CA LEU B 256 -0.90 6.46 12.20
C LEU B 256 -1.02 7.06 10.79
N LEU B 257 -1.32 8.35 10.67
CA LEU B 257 -1.48 9.05 9.36
C LEU B 257 -0.12 9.25 8.70
N LYS B 258 0.90 9.65 9.47
CA LYS B 258 2.28 9.94 8.96
C LYS B 258 2.88 8.67 8.36
N GLU B 259 2.61 7.50 8.95
CA GLU B 259 3.15 6.18 8.50
C GLU B 259 2.44 5.71 7.22
N GLY B 260 1.34 6.38 6.83
CA GLY B 260 0.61 6.15 5.57
C GLY B 260 -0.70 5.39 5.77
N HIS B 261 -1.01 4.99 7.01
CA HIS B 261 -2.24 4.24 7.37
C HIS B 261 -3.47 5.14 7.14
N ARG B 262 -4.52 4.56 6.54
CA ARG B 262 -5.86 5.16 6.31
C ARG B 262 -6.91 4.15 6.75
N MET B 263 -8.16 4.59 6.94
CA MET B 263 -9.30 3.72 7.34
C MET B 263 -9.54 2.68 6.23
N ASP B 264 -10.00 1.50 6.62
CA ASP B 264 -10.25 0.32 5.74
C ASP B 264 -11.56 0.55 4.95
N LYS B 265 -11.79 -0.23 3.89
CA LYS B 265 -13.03 -0.16 3.07
C LYS B 265 -14.21 -0.57 3.94
N PRO B 266 -15.25 0.30 4.11
CA PRO B 266 -16.47 -0.09 4.81
C PRO B 266 -17.33 -1.01 3.92
N SER B 267 -18.27 -1.76 4.50
CA SER B 267 -19.00 -2.85 3.81
C SER B 267 -19.88 -2.28 2.66
N ASN B 268 -20.65 -1.22 2.90
CA ASN B 268 -21.72 -0.74 1.97
C ASN B 268 -21.13 -0.03 0.75
N CYS B 269 -19.89 -0.37 0.37
CA CYS B 269 -19.00 0.51 -0.43
C CYS B 269 -18.34 -0.30 -1.54
N THR B 270 -18.48 0.14 -2.80
CA THR B 270 -17.84 -0.48 -3.99
C THR B 270 -16.34 -0.22 -3.97
N ASN B 271 -15.59 -0.91 -4.84
CA ASN B 271 -14.14 -0.69 -5.08
C ASN B 271 -13.92 0.75 -5.53
N GLU B 272 -14.81 1.27 -6.38
CA GLU B 272 -14.71 2.62 -6.98
C GLU B 272 -14.88 3.69 -5.88
N LEU B 273 -15.95 3.62 -5.08
CA LEU B 273 -16.23 4.63 -4.03
C LEU B 273 -15.15 4.57 -2.94
N TYR B 274 -14.51 3.42 -2.73
CA TYR B 274 -13.39 3.30 -1.77
C TYR B 274 -12.16 4.02 -2.35
N MET B 275 -11.91 3.87 -3.65
CA MET B 275 -10.69 4.44 -4.30
C MET B 275 -10.82 5.96 -4.35
N MET B 276 -12.07 6.47 -4.39
CA MET B 276 -12.40 7.91 -4.28
C MET B 276 -11.94 8.41 -2.90
N MET B 277 -12.34 7.72 -1.82
CA MET B 277 -11.93 8.03 -0.42
C MET B 277 -10.40 8.09 -0.36
N ARG B 278 -9.75 7.03 -0.83
CA ARG B 278 -8.27 6.87 -0.85
C ARG B 278 -7.63 8.02 -1.62
N ASP B 279 -8.25 8.48 -2.72
CA ASP B 279 -7.73 9.63 -3.51
C ASP B 279 -7.87 10.91 -2.68
N CYS B 280 -8.97 11.06 -1.93
CA CYS B 280 -9.23 12.21 -1.03
C CYS B 280 -8.15 12.26 0.06
N TRP B 281 -7.64 11.09 0.47
CA TRP B 281 -6.70 10.93 1.62
C TRP B 281 -5.24 10.86 1.17
N HIS B 282 -4.95 11.20 -0.09
CA HIS B 282 -3.54 11.41 -0.57
C HIS B 282 -2.83 12.36 0.40
N ALA B 283 -1.68 11.96 0.93
CA ALA B 283 -0.83 12.75 1.85
C ALA B 283 -0.52 14.12 1.21
N VAL B 284 -0.20 14.11 -0.08
CA VAL B 284 0.12 15.33 -0.89
C VAL B 284 -1.20 15.96 -1.36
N PRO B 285 -1.54 17.18 -0.90
CA PRO B 285 -2.82 17.83 -1.26
C PRO B 285 -3.13 18.00 -2.75
N SER B 286 -2.15 18.39 -3.57
CA SER B 286 -2.31 18.58 -5.04
C SER B 286 -2.61 17.24 -5.74
N GLN B 287 -2.24 16.11 -5.14
CA GLN B 287 -2.51 14.73 -5.65
C GLN B 287 -3.97 14.32 -5.38
N ARG B 288 -4.68 15.05 -4.51
CA ARG B 288 -6.10 14.77 -4.18
C ARG B 288 -6.98 15.30 -5.31
N PRO B 289 -8.16 14.69 -5.54
CA PRO B 289 -9.07 15.20 -6.57
C PRO B 289 -9.73 16.52 -6.14
N THR B 290 -10.21 17.30 -7.12
CA THR B 290 -11.03 18.52 -6.90
C THR B 290 -12.49 18.08 -6.71
N PHE B 291 -13.34 18.99 -6.22
CA PHE B 291 -14.80 18.78 -6.11
C PHE B 291 -15.44 18.65 -7.51
N LYS B 292 -14.88 19.33 -8.51
CA LYS B 292 -15.34 19.23 -9.92
C LYS B 292 -15.22 17.76 -10.39
N GLN B 293 -14.08 17.11 -10.11
CA GLN B 293 -13.84 15.69 -10.47
C GLN B 293 -14.79 14.76 -9.69
N LEU B 294 -14.96 15.02 -8.38
CA LEU B 294 -15.78 14.17 -7.47
C LEU B 294 -17.25 14.23 -7.90
N VAL B 295 -17.72 15.38 -8.37
CA VAL B 295 -19.13 15.56 -8.85
C VAL B 295 -19.30 14.79 -10.16
N GLU B 296 -18.39 14.96 -11.12
CA GLU B 296 -18.38 14.20 -12.40
C GLU B 296 -18.48 12.70 -12.11
N ASP B 297 -17.63 12.20 -11.20
CA ASP B 297 -17.50 10.76 -10.86
C ASP B 297 -18.76 10.27 -10.12
N LEU B 298 -19.30 11.07 -9.19
CA LEU B 298 -20.48 10.69 -8.38
C LEU B 298 -21.76 10.80 -9.24
N ASP B 299 -21.84 11.78 -10.12
CA ASP B 299 -22.97 11.93 -11.09
C ASP B 299 -23.09 10.64 -11.92
N ARG B 300 -21.96 10.13 -12.39
CA ARG B 300 -21.83 8.93 -13.24
C ARG B 300 -22.24 7.68 -12.44
N ILE B 301 -21.78 7.55 -11.19
CA ILE B 301 -22.09 6.39 -10.30
C ILE B 301 -23.57 6.41 -9.91
N VAL B 302 -24.18 7.60 -9.70
CA VAL B 302 -25.63 7.76 -9.39
C VAL B 302 -26.44 7.15 -10.54
N ALA B 303 -26.10 7.50 -11.79
CA ALA B 303 -26.82 7.08 -13.02
C ALA B 303 -26.77 5.56 -13.20
N LEU B 304 -25.75 4.87 -12.66
CA LEU B 304 -25.45 3.44 -12.93
C LEU B 304 -25.74 2.55 -11.70
N THR B 305 -26.10 3.11 -10.54
CA THR B 305 -26.40 2.34 -9.30
C THR B 305 -27.70 1.55 -9.50
N LEU C 9 46.99 -1.70 24.31
CA LEU C 9 45.70 -1.83 23.55
C LEU C 9 45.47 -3.30 23.19
N PRO C 10 44.25 -3.86 23.44
CA PRO C 10 43.94 -5.24 23.07
C PRO C 10 43.75 -5.41 21.56
N GLU C 11 43.75 -6.66 21.09
CA GLU C 11 43.71 -7.04 19.66
C GLU C 11 42.43 -7.85 19.39
N ASP C 12 41.71 -7.48 18.33
CA ASP C 12 40.70 -8.33 17.63
C ASP C 12 41.31 -8.69 16.30
N PRO C 13 41.72 -9.97 16.08
CA PRO C 13 42.43 -10.35 14.86
C PRO C 13 41.52 -10.37 13.61
N ARG C 14 40.20 -10.31 13.79
CA ARG C 14 39.22 -10.16 12.68
C ARG C 14 39.46 -8.81 11.98
N TRP C 15 39.93 -7.81 12.73
CA TRP C 15 40.11 -6.39 12.28
C TRP C 15 41.59 -6.04 12.06
N GLU C 16 42.53 -6.73 12.72
CA GLU C 16 43.98 -6.33 12.78
C GLU C 16 44.61 -6.49 11.39
N LEU C 17 45.29 -5.46 10.89
CA LEU C 17 46.06 -5.49 9.63
C LEU C 17 47.54 -5.31 9.95
N PRO C 18 48.44 -6.19 9.43
CA PRO C 18 49.88 -6.01 9.61
C PRO C 18 50.37 -4.68 9.00
N ARG C 19 51.35 -4.04 9.64
CA ARG C 19 51.86 -2.70 9.24
C ARG C 19 52.53 -2.76 7.88
N ASP C 20 53.18 -3.87 7.52
CA ASP C 20 53.88 -4.01 6.22
C ASP C 20 52.84 -4.01 5.08
N ARG C 21 51.57 -4.33 5.36
CA ARG C 21 50.48 -4.35 4.35
C ARG C 21 50.00 -2.92 4.05
N LEU C 22 50.30 -1.97 4.93
CA LEU C 22 49.81 -0.56 4.86
C LEU C 22 50.95 0.35 4.37
N VAL C 23 50.85 0.85 3.13
CA VAL C 23 51.80 1.82 2.51
C VAL C 23 51.20 3.23 2.63
N LEU C 24 51.62 3.99 3.64
CA LEU C 24 51.13 5.37 3.93
C LEU C 24 51.59 6.35 2.84
N GLY C 25 50.91 7.49 2.72
CA GLY C 25 51.13 8.47 1.63
C GLY C 25 50.92 9.91 2.08
N LYS C 26 50.31 10.72 1.22
CA LYS C 26 50.17 12.20 1.40
C LYS C 26 49.10 12.48 2.46
N PRO C 27 49.40 13.31 3.48
CA PRO C 27 48.37 13.84 4.38
C PRO C 27 47.25 14.53 3.58
N LEU C 28 46.09 14.75 4.21
CA LEU C 28 44.83 15.13 3.52
C LEU C 28 43.99 16.05 4.42
N GLY C 29 43.82 17.31 4.01
CA GLY C 29 42.99 18.33 4.71
C GLY C 29 41.53 18.21 4.36
N GLN C 35 43.55 14.13 11.64
CA GLN C 35 44.85 13.70 11.04
C GLN C 35 44.62 12.48 10.14
N VAL C 36 43.97 12.69 8.99
CA VAL C 36 43.69 11.67 7.95
C VAL C 36 44.84 11.71 6.94
N VAL C 37 45.25 10.54 6.44
CA VAL C 37 46.30 10.39 5.39
C VAL C 37 45.80 9.39 4.35
N LEU C 38 46.11 9.66 3.07
CA LEU C 38 45.90 8.72 1.94
C LEU C 38 46.86 7.55 2.11
N ALA C 39 46.44 6.32 1.81
CA ALA C 39 47.27 5.12 1.93
C ALA C 39 46.82 4.04 0.94
N GLU C 40 47.63 2.98 0.84
CA GLU C 40 47.37 1.76 0.04
C GLU C 40 47.49 0.55 0.98
N ALA C 41 46.52 -0.36 0.93
CA ALA C 41 46.44 -1.60 1.72
C ALA C 41 46.63 -2.80 0.79
N ILE C 42 47.65 -3.62 1.03
CA ILE C 42 48.01 -4.80 0.20
C ILE C 42 47.24 -6.02 0.71
N GLY C 43 46.41 -6.62 -0.14
CA GLY C 43 45.62 -7.83 0.16
C GLY C 43 44.57 -7.59 1.23
N LEU C 44 43.68 -6.62 1.03
CA LEU C 44 42.51 -6.37 1.92
C LEU C 44 41.56 -7.57 1.84
N ASP C 45 41.47 -8.21 0.66
CA ASP C 45 40.71 -9.46 0.44
C ASP C 45 41.65 -10.67 0.59
N PRO C 49 44.16 -10.56 -2.71
CA PRO C 49 45.46 -11.22 -2.63
C PRO C 49 46.62 -10.38 -3.19
N ASN C 50 46.65 -10.18 -4.52
CA ASN C 50 47.71 -9.43 -5.26
C ASN C 50 47.21 -8.04 -5.65
N ARG C 51 46.04 -7.63 -5.13
CA ARG C 51 45.41 -6.31 -5.38
C ARG C 51 45.86 -5.33 -4.29
N VAL C 52 45.80 -4.03 -4.59
CA VAL C 52 46.05 -2.91 -3.64
C VAL C 52 44.78 -2.05 -3.59
N THR C 53 44.23 -1.83 -2.39
CA THR C 53 43.04 -0.97 -2.14
C THR C 53 43.52 0.41 -1.70
N LYS C 54 43.03 1.47 -2.35
CA LYS C 54 43.19 2.87 -1.85
C LYS C 54 42.30 2.99 -0.61
N VAL C 55 42.85 3.47 0.50
CA VAL C 55 42.13 3.58 1.81
C VAL C 55 42.49 4.93 2.44
N ALA C 56 41.71 5.36 3.43
CA ALA C 56 41.98 6.54 4.29
C ALA C 56 42.39 6.03 5.66
N VAL C 57 43.42 6.64 6.27
CA VAL C 57 43.97 6.23 7.59
C VAL C 57 43.90 7.43 8.54
N LYS C 58 43.21 7.26 9.67
CA LYS C 58 43.19 8.27 10.76
C LYS C 58 44.18 7.82 11.84
N MET C 59 44.90 8.77 12.41
CA MET C 59 45.98 8.56 13.42
C MET C 59 46.02 9.76 14.36
N LEU C 60 46.84 9.71 15.41
CA LEU C 60 47.02 10.83 16.37
C LEU C 60 48.13 11.76 15.87
N LYS C 61 48.20 12.97 16.43
CA LYS C 61 49.31 13.96 16.19
C LYS C 61 50.33 13.83 17.33
N SER C 62 51.48 14.52 17.23
CA SER C 62 52.64 14.43 18.16
C SER C 62 52.26 14.89 19.57
N THR C 65 47.51 13.58 23.08
CA THR C 65 47.30 13.44 24.55
C THR C 65 46.54 12.14 24.86
N GLU C 66 46.19 11.91 26.13
CA GLU C 66 45.49 10.69 26.62
C GLU C 66 44.00 10.75 26.25
N LYS C 67 43.37 11.93 26.32
CA LYS C 67 41.94 12.14 25.97
C LYS C 67 41.76 12.03 24.45
N ASP C 68 42.82 12.33 23.67
CA ASP C 68 42.83 12.21 22.18
C ASP C 68 42.90 10.74 21.76
N LEU C 69 43.64 9.91 22.53
CA LEU C 69 43.82 8.46 22.25
C LEU C 69 42.49 7.72 22.46
N SER C 70 41.82 7.93 23.60
CA SER C 70 40.53 7.28 23.97
C SER C 70 39.42 7.73 23.01
N ASP C 71 39.57 8.89 22.35
CA ASP C 71 38.58 9.45 21.39
C ASP C 71 38.71 8.74 20.03
N LEU C 72 39.95 8.46 19.58
CA LEU C 72 40.23 7.73 18.32
C LEU C 72 39.83 6.26 18.48
N ILE C 73 39.98 5.70 19.68
CA ILE C 73 39.57 4.30 20.01
C ILE C 73 38.05 4.23 20.08
N SER C 74 37.41 5.18 20.78
CA SER C 74 35.93 5.36 20.84
C SER C 74 35.37 5.29 19.42
N GLU C 75 35.91 6.13 18.52
CA GLU C 75 35.47 6.26 17.11
C GLU C 75 35.57 4.88 16.41
N MET C 76 36.69 4.18 16.60
CA MET C 76 36.96 2.84 16.02
C MET C 76 35.93 1.83 16.55
N GLU C 77 35.70 1.82 17.85
CA GLU C 77 34.78 0.85 18.51
C GLU C 77 33.34 1.16 18.12
N MET C 78 32.98 2.44 17.98
CA MET C 78 31.64 2.90 17.50
C MET C 78 31.38 2.34 16.09
N MET C 79 32.37 2.46 15.20
CA MET C 79 32.26 2.04 13.77
C MET C 79 32.16 0.50 13.70
N LYS C 80 32.76 -0.21 14.66
CA LYS C 80 32.67 -1.70 14.78
C LYS C 80 31.24 -2.10 15.16
N MET C 81 30.66 -1.45 16.16
CA MET C 81 29.31 -1.78 16.70
C MET C 81 28.22 -1.43 15.68
N ILE C 82 28.45 -0.42 14.84
CA ILE C 82 27.46 0.08 13.83
C ILE C 82 27.44 -0.90 12.66
N GLY C 83 28.60 -1.39 12.26
CA GLY C 83 28.74 -2.41 11.21
C GLY C 83 28.66 -1.80 9.82
N LYS C 84 28.68 -2.65 8.79
CA LYS C 84 28.82 -2.27 7.36
C LYS C 84 27.48 -1.74 6.83
N HIS C 85 27.54 -0.79 5.90
CA HIS C 85 26.42 -0.38 5.02
C HIS C 85 27.00 0.28 3.76
N LYS C 86 26.33 0.09 2.63
CA LYS C 86 26.72 0.57 1.28
C LYS C 86 26.96 2.08 1.31
N ASN C 87 26.12 2.83 2.04
CA ASN C 87 26.02 4.32 1.98
C ASN C 87 26.57 4.99 3.25
N ILE C 88 27.45 4.32 4.01
CA ILE C 88 28.31 4.96 5.05
C ILE C 88 29.77 4.68 4.69
N ILE C 89 30.71 5.47 5.24
CA ILE C 89 32.17 5.18 5.18
C ILE C 89 32.44 4.07 6.19
N ASN C 90 32.84 2.89 5.68
CA ASN C 90 33.02 1.65 6.48
C ASN C 90 34.44 1.60 7.06
N LEU C 91 34.55 1.10 8.29
CA LEU C 91 35.80 0.60 8.90
C LEU C 91 36.27 -0.63 8.10
N LEU C 92 37.53 -0.66 7.67
CA LEU C 92 38.11 -1.77 6.88
C LEU C 92 39.17 -2.52 7.71
N GLY C 93 39.90 -1.83 8.59
CA GLY C 93 40.95 -2.45 9.41
C GLY C 93 41.49 -1.50 10.47
N ALA C 94 42.49 -1.97 11.22
CA ALA C 94 43.19 -1.18 12.26
C ALA C 94 44.57 -1.81 12.51
N CYS C 95 45.56 -0.97 12.84
CA CYS C 95 46.91 -1.36 13.32
C CYS C 95 47.04 -0.90 14.79
N THR C 96 46.85 -1.81 15.75
CA THR C 96 46.69 -1.49 17.18
C THR C 96 47.94 -1.86 17.98
N GLN C 97 48.87 -2.63 17.42
CA GLN C 97 49.83 -3.45 18.21
C GLN C 97 51.26 -2.89 18.12
N ASP C 98 52.06 -3.32 17.13
CA ASP C 98 53.54 -3.11 17.12
C ASP C 98 53.87 -1.74 16.51
N GLY C 99 53.40 -0.65 17.13
CA GLY C 99 53.58 0.74 16.65
C GLY C 99 52.40 1.63 17.02
N PRO C 100 52.25 2.82 16.37
CA PRO C 100 51.15 3.74 16.69
C PRO C 100 49.82 3.28 16.07
N LEU C 101 48.71 3.71 16.67
CA LEU C 101 47.32 3.30 16.29
C LEU C 101 46.92 3.94 14.95
N TYR C 102 46.66 3.11 13.94
CA TYR C 102 46.04 3.50 12.64
C TYR C 102 44.64 2.90 12.57
N VAL C 103 43.65 3.72 12.18
CA VAL C 103 42.26 3.29 11.88
C VAL C 103 42.06 3.44 10.37
N ILE C 104 41.74 2.34 9.69
CA ILE C 104 41.71 2.25 8.20
C ILE C 104 40.24 2.20 7.76
N VAL C 105 39.82 3.08 6.86
CA VAL C 105 38.40 3.22 6.40
C VAL C 105 38.35 3.28 4.86
N GLU C 106 37.14 3.27 4.29
CA GLU C 106 36.93 3.25 2.83
C GLU C 106 37.38 4.59 2.22
N TYR C 107 37.75 4.57 0.95
CA TYR C 107 38.28 5.72 0.18
C TYR C 107 37.24 6.20 -0.83
N ALA C 108 36.95 7.50 -0.81
CA ALA C 108 35.99 8.19 -1.70
C ALA C 108 36.78 9.16 -2.60
N SER C 109 37.08 8.74 -3.82
CA SER C 109 38.06 9.38 -4.73
C SER C 109 37.56 10.76 -5.20
N LYS C 110 36.24 11.02 -5.19
CA LYS C 110 35.65 12.25 -5.77
C LYS C 110 35.33 13.31 -4.70
N GLY C 111 35.85 13.16 -3.48
CA GLY C 111 35.69 14.17 -2.41
C GLY C 111 34.25 14.26 -1.91
N ASN C 112 33.91 15.38 -1.26
CA ASN C 112 32.59 15.59 -0.60
C ASN C 112 31.54 15.95 -1.66
N LEU C 113 30.27 15.86 -1.28
CA LEU C 113 29.10 15.99 -2.20
C LEU C 113 28.85 17.46 -2.53
N ARG C 114 29.09 18.36 -1.57
CA ARG C 114 28.91 19.83 -1.76
C ARG C 114 29.78 20.27 -2.96
N GLU C 115 31.08 19.92 -2.93
CA GLU C 115 32.07 20.31 -3.97
C GLU C 115 31.77 19.57 -5.28
N TYR C 116 31.18 18.37 -5.20
CA TYR C 116 30.75 17.57 -6.38
C TYR C 116 29.57 18.28 -7.07
N LEU C 117 28.57 18.70 -6.29
CA LEU C 117 27.36 19.41 -6.80
C LEU C 117 27.75 20.80 -7.33
N GLN C 118 28.61 21.52 -6.59
CA GLN C 118 29.05 22.90 -6.94
C GLN C 118 29.86 22.87 -8.25
N ALA C 119 30.69 21.84 -8.46
CA ALA C 119 31.52 21.66 -9.67
C ALA C 119 30.63 21.54 -10.91
N ARG C 120 29.38 21.07 -10.73
CA ARG C 120 28.41 20.76 -11.82
C ARG C 120 27.22 21.73 -11.78
N ARG C 121 27.30 22.79 -10.98
CA ARG C 121 26.24 23.84 -10.84
C ARG C 121 26.15 24.69 -12.10
N PRO C 122 27.27 25.16 -12.71
CA PRO C 122 27.20 26.07 -13.86
C PRO C 122 26.32 25.62 -15.03
N PRO C 123 26.44 24.40 -15.59
CA PRO C 123 25.57 23.99 -16.69
C PRO C 123 24.09 23.82 -16.31
N GLY C 124 23.78 23.49 -15.06
CA GLY C 124 22.42 23.18 -14.59
C GLY C 124 22.06 21.72 -14.85
N GLN C 138 27.50 17.15 -16.10
CA GLN C 138 26.11 17.65 -15.88
C GLN C 138 25.24 16.57 -15.22
N LEU C 139 24.42 16.97 -14.24
CA LEU C 139 23.49 16.09 -13.45
C LEU C 139 22.06 16.21 -13.98
N SER C 140 21.29 15.12 -13.87
CA SER C 140 19.83 15.05 -14.14
C SER C 140 19.05 15.08 -12.81
N SER C 141 17.71 15.05 -12.88
CA SER C 141 16.81 14.91 -11.71
C SER C 141 16.98 13.52 -11.09
N LYS C 142 17.14 12.50 -11.94
CA LYS C 142 17.41 11.09 -11.55
C LYS C 142 18.68 11.04 -10.69
N ASP C 143 19.73 11.75 -11.09
CA ASP C 143 21.03 11.82 -10.37
C ASP C 143 20.81 12.43 -8.97
N LEU C 144 20.13 13.59 -8.89
CA LEU C 144 19.88 14.34 -7.63
C LEU C 144 18.99 13.49 -6.70
N VAL C 145 17.91 12.93 -7.22
CA VAL C 145 16.91 12.12 -6.45
C VAL C 145 17.60 10.83 -5.98
N SER C 146 18.42 10.22 -6.83
CA SER C 146 19.20 8.99 -6.52
C SER C 146 20.22 9.27 -5.41
N CYS C 147 20.80 10.48 -5.39
N CYS C 147 20.80 10.48 -5.39
CA CYS C 147 21.75 10.97 -4.36
CA CYS C 147 21.75 10.95 -4.35
C CYS C 147 21.04 11.15 -3.01
C CYS C 147 21.03 11.14 -3.01
N ALA C 148 19.83 11.72 -3.03
CA ALA C 148 19.02 11.99 -1.81
C ALA C 148 18.57 10.67 -1.17
N TYR C 149 18.21 9.70 -1.99
CA TYR C 149 17.75 8.35 -1.57
C TYR C 149 18.89 7.62 -0.84
N GLN C 150 20.09 7.65 -1.40
CA GLN C 150 21.28 6.95 -0.86
C GLN C 150 21.63 7.52 0.52
N VAL C 151 21.57 8.85 0.66
CA VAL C 151 21.87 9.54 1.95
C VAL C 151 20.79 9.12 2.96
N ALA C 152 19.52 9.12 2.54
CA ALA C 152 18.38 8.66 3.36
C ALA C 152 18.60 7.22 3.83
N ARG C 153 19.09 6.34 2.95
CA ARG C 153 19.34 4.91 3.27
C ARG C 153 20.49 4.81 4.29
N GLY C 154 21.55 5.58 4.10
CA GLY C 154 22.67 5.65 5.04
C GLY C 154 22.22 6.13 6.41
N MET C 155 21.42 7.20 6.46
CA MET C 155 20.93 7.79 7.73
C MET C 155 19.90 6.86 8.37
N GLU C 156 19.04 6.21 7.59
CA GLU C 156 18.05 5.21 8.10
C GLU C 156 18.81 4.12 8.84
N TYR C 157 19.92 3.64 8.26
CA TYR C 157 20.78 2.58 8.84
C TYR C 157 21.41 3.09 10.13
N LEU C 158 22.10 4.23 10.07
CA LEU C 158 22.76 4.86 11.25
C LEU C 158 21.72 5.04 12.36
N ALA C 159 20.53 5.57 12.03
CA ALA C 159 19.44 5.86 12.99
C ALA C 159 18.95 4.57 13.65
N SER C 160 18.86 3.47 12.89
CA SER C 160 18.48 2.12 13.37
C SER C 160 19.54 1.57 14.33
N LYS C 161 20.79 2.03 14.23
CA LYS C 161 21.91 1.63 15.13
C LYS C 161 22.07 2.63 16.27
N LYS C 162 21.07 3.48 16.51
CA LYS C 162 21.00 4.46 17.63
C LYS C 162 22.08 5.53 17.48
N CYS C 163 22.57 5.77 16.25
CA CYS C 163 23.63 6.75 15.94
C CYS C 163 23.01 8.08 15.48
N ILE C 164 23.22 9.15 16.23
CA ILE C 164 22.82 10.54 15.88
C ILE C 164 24.06 11.25 15.34
N HIS C 165 24.01 11.72 14.09
CA HIS C 165 25.15 12.30 13.35
C HIS C 165 25.55 13.65 13.97
N ARG C 166 24.57 14.53 14.17
CA ARG C 166 24.70 15.89 14.80
C ARG C 166 25.33 16.90 13.83
N ASP C 167 25.73 16.49 12.61
CA ASP C 167 26.38 17.42 11.63
C ASP C 167 26.06 16.98 10.19
N LEU C 168 24.86 16.48 9.92
CA LEU C 168 24.46 16.03 8.57
C LEU C 168 24.39 17.25 7.66
N ALA C 169 25.10 17.18 6.52
CA ALA C 169 25.22 18.21 5.46
C ALA C 169 25.94 17.56 4.28
N ALA C 170 25.97 18.19 3.11
CA ALA C 170 26.58 17.60 1.88
C ALA C 170 28.11 17.58 2.01
N ARG C 171 28.67 18.43 2.88
CA ARG C 171 30.13 18.49 3.19
C ARG C 171 30.59 17.18 3.85
N ASN C 172 29.66 16.47 4.53
CA ASN C 172 29.92 15.23 5.31
C ASN C 172 29.30 14.03 4.61
N VAL C 173 29.01 14.13 3.32
CA VAL C 173 28.70 12.97 2.42
C VAL C 173 29.82 12.93 1.37
N LEU C 174 30.51 11.79 1.24
CA LEU C 174 31.62 11.60 0.27
C LEU C 174 31.12 10.80 -0.93
N VAL C 175 31.73 11.02 -2.10
CA VAL C 175 31.37 10.36 -3.39
C VAL C 175 32.53 9.45 -3.79
N THR C 176 32.25 8.16 -4.02
CA THR C 176 33.24 7.13 -4.41
C THR C 176 33.43 7.20 -5.93
N GLU C 177 34.28 6.33 -6.47
CA GLU C 177 34.58 6.29 -7.93
C GLU C 177 33.31 5.89 -8.69
N ASP C 178 32.43 5.10 -8.07
CA ASP C 178 31.19 4.54 -8.69
C ASP C 178 30.00 5.48 -8.44
N ASN C 179 30.24 6.71 -7.97
CA ASN C 179 29.19 7.73 -7.67
C ASN C 179 28.23 7.19 -6.59
N VAL C 180 28.77 6.46 -5.61
CA VAL C 180 28.01 5.95 -4.42
C VAL C 180 28.20 6.97 -3.28
N MET C 181 27.09 7.47 -2.73
CA MET C 181 27.06 8.45 -1.61
C MET C 181 27.35 7.69 -0.32
N LYS C 182 28.22 8.23 0.54
CA LYS C 182 28.69 7.59 1.79
C LYS C 182 28.75 8.65 2.90
N ILE C 183 27.90 8.50 3.92
CA ILE C 183 27.88 9.38 5.11
C ILE C 183 29.21 9.21 5.86
N ALA C 184 29.81 10.32 6.27
CA ALA C 184 31.18 10.44 6.83
C ALA C 184 31.11 11.04 8.23
N ASP C 185 32.19 10.87 9.00
CA ASP C 185 32.38 11.44 10.36
C ASP C 185 31.07 11.28 11.17
N PHE C 186 30.58 10.04 11.28
CA PHE C 186 29.36 9.69 12.05
C PHE C 186 29.75 9.02 13.39
N GLY C 187 31.03 8.72 13.58
CA GLY C 187 31.57 8.13 14.83
C GLY C 187 32.16 9.18 15.77
N LEU C 188 32.62 10.30 15.21
CA LEU C 188 33.35 11.39 15.92
C LEU C 188 32.61 11.78 17.21
N HIS C 193 30.28 20.60 20.28
CA HIS C 193 29.03 21.38 20.53
C HIS C 193 29.36 22.84 20.89
N HIS C 194 30.37 23.05 21.74
CA HIS C 194 30.69 24.34 22.42
C HIS C 194 30.96 25.48 21.44
N ILE C 195 31.64 25.22 20.32
CA ILE C 195 32.17 26.27 19.39
C ILE C 195 31.07 26.76 18.43
N ASP C 196 29.79 26.46 18.70
CA ASP C 196 28.63 26.84 17.84
C ASP C 196 28.23 28.30 18.13
N TYR C 197 28.40 28.76 19.37
CA TYR C 197 28.05 30.13 19.85
C TYR C 197 28.84 31.20 19.09
N TYR C 198 30.06 30.89 18.65
CA TYR C 198 31.01 31.85 18.00
C TYR C 198 30.59 32.19 16.56
N LYS C 199 29.77 31.35 15.92
CA LYS C 199 29.37 31.50 14.49
C LYS C 199 28.08 32.33 14.39
N LYS C 200 27.83 33.26 15.32
CA LYS C 200 26.57 34.06 15.40
C LYS C 200 26.63 35.28 14.45
N THR C 201 27.47 35.24 13.40
CA THR C 201 27.61 36.32 12.39
C THR C 201 28.52 35.84 11.24
N PRO C 207 28.12 25.57 8.55
CA PRO C 207 27.61 24.33 9.14
C PRO C 207 26.37 24.51 10.03
N VAL C 208 26.28 25.63 10.75
CA VAL C 208 25.21 25.97 11.75
C VAL C 208 23.85 26.11 11.04
N LYS C 209 23.83 26.42 9.74
CA LYS C 209 22.59 26.68 8.96
C LYS C 209 21.88 25.37 8.60
N TRP C 210 22.43 24.22 8.98
CA TRP C 210 21.85 22.86 8.78
C TRP C 210 21.20 22.34 10.07
N MET C 211 21.39 23.03 11.19
CA MET C 211 20.96 22.57 12.54
C MET C 211 19.47 22.87 12.77
N ALA C 212 18.79 21.96 13.46
CA ALA C 212 17.41 22.15 13.96
C ALA C 212 17.42 23.33 14.93
N PRO C 213 16.29 24.07 15.08
CA PRO C 213 16.16 25.09 16.11
C PRO C 213 16.53 24.57 17.51
N GLU C 214 15.93 23.45 17.95
CA GLU C 214 16.11 22.89 19.32
C GLU C 214 17.60 22.57 19.54
N ALA C 215 18.32 22.20 18.48
CA ALA C 215 19.76 21.88 18.54
C ALA C 215 20.56 23.17 18.71
N LEU C 216 20.15 24.25 18.02
CA LEU C 216 20.82 25.57 18.04
C LEU C 216 20.64 26.20 19.43
N PHE C 217 19.40 26.33 19.91
CA PHE C 217 19.05 27.08 21.15
C PHE C 217 19.30 26.23 22.40
N ASP C 218 18.76 25.00 22.44
CA ASP C 218 18.64 24.16 23.66
C ASP C 218 19.69 23.05 23.69
N ARG C 219 20.53 22.94 22.66
CA ARG C 219 21.58 21.90 22.55
C ARG C 219 20.92 20.50 22.56
N ILE C 220 19.68 20.39 22.07
CA ILE C 220 18.88 19.13 22.02
C ILE C 220 19.14 18.44 20.68
N TYR C 221 19.85 17.31 20.67
CA TYR C 221 20.20 16.50 19.48
C TYR C 221 19.53 15.12 19.57
N THR C 222 18.70 14.80 18.57
CA THR C 222 17.93 13.54 18.46
C THR C 222 17.99 13.07 17.01
N HIS C 223 17.30 11.97 16.68
CA HIS C 223 17.16 11.49 15.28
C HIS C 223 16.35 12.51 14.48
N GLN C 224 15.41 13.18 15.14
CA GLN C 224 14.46 14.10 14.45
C GLN C 224 15.15 15.44 14.16
N SER C 225 16.27 15.76 14.83
CA SER C 225 17.07 16.97 14.52
C SER C 225 18.00 16.66 13.33
N ASP C 226 18.40 15.40 13.17
CA ASP C 226 19.13 14.93 11.96
C ASP C 226 18.22 15.01 10.74
N VAL C 227 16.91 14.78 10.93
CA VAL C 227 15.89 14.80 9.84
C VAL C 227 15.76 16.24 9.33
N TRP C 228 15.73 17.23 10.24
CA TRP C 228 15.77 18.66 9.88
C TRP C 228 16.97 18.88 8.94
N SER C 229 18.15 18.42 9.34
CA SER C 229 19.42 18.61 8.59
C SER C 229 19.35 17.95 7.22
N PHE C 230 18.72 16.77 7.14
CA PHE C 230 18.45 16.05 5.87
C PHE C 230 17.56 16.91 4.97
N GLY C 231 16.59 17.61 5.57
CA GLY C 231 15.77 18.63 4.89
C GLY C 231 16.61 19.69 4.22
N VAL C 232 17.65 20.19 4.89
CA VAL C 232 18.56 21.25 4.36
C VAL C 232 19.54 20.62 3.36
N LEU C 233 19.90 19.35 3.57
CA LEU C 233 20.74 18.59 2.62
C LEU C 233 19.96 18.37 1.31
N LEU C 234 18.68 17.95 1.38
CA LEU C 234 17.79 17.84 0.18
C LEU C 234 17.83 19.16 -0.61
N TRP C 235 17.63 20.29 0.08
CA TRP C 235 17.63 21.66 -0.50
C TRP C 235 19.01 21.96 -1.13
N GLU C 236 20.07 21.57 -0.45
CA GLU C 236 21.48 21.72 -0.90
C GLU C 236 21.71 20.94 -2.20
N ILE C 237 21.09 19.75 -2.34
CA ILE C 237 21.22 18.87 -3.53
C ILE C 237 20.53 19.54 -4.72
N PHE C 238 19.29 20.01 -4.53
CA PHE C 238 18.41 20.50 -5.64
C PHE C 238 18.75 21.94 -6.02
N THR C 239 19.61 22.61 -5.25
CA THR C 239 20.23 23.92 -5.62
C THR C 239 21.66 23.68 -6.09
N LEU C 240 22.05 22.42 -6.28
CA LEU C 240 23.39 21.97 -6.75
C LEU C 240 24.48 22.63 -5.90
N GLY C 241 24.42 22.41 -4.58
CA GLY C 241 25.42 22.90 -3.60
C GLY C 241 25.13 24.33 -3.14
N GLY C 242 23.87 24.62 -2.83
CA GLY C 242 23.42 25.96 -2.42
C GLY C 242 23.73 26.21 -0.96
N SER C 243 23.87 27.49 -0.57
CA SER C 243 24.05 27.95 0.83
C SER C 243 22.68 28.39 1.36
N PRO C 244 22.15 27.75 2.44
CA PRO C 244 20.87 28.14 3.04
C PRO C 244 20.83 29.63 3.40
N TYR C 245 19.73 30.31 3.01
CA TYR C 245 19.56 31.77 3.17
C TYR C 245 20.90 32.46 2.95
N PRO C 246 21.38 32.58 1.67
CA PRO C 246 22.69 33.15 1.40
C PRO C 246 22.73 34.65 1.76
N GLY C 247 23.77 35.08 2.47
CA GLY C 247 23.99 36.48 2.85
C GLY C 247 23.34 36.86 4.18
N VAL C 248 22.52 35.98 4.77
CA VAL C 248 21.85 36.20 6.08
C VAL C 248 22.74 35.66 7.20
N PRO C 249 23.12 36.47 8.22
CA PRO C 249 23.90 35.99 9.35
C PRO C 249 23.05 35.07 10.25
N VAL C 250 23.71 34.16 10.98
CA VAL C 250 23.07 33.08 11.78
C VAL C 250 22.09 33.71 12.79
N GLU C 251 22.50 34.77 13.48
CA GLU C 251 21.62 35.58 14.37
C GLU C 251 20.28 35.84 13.68
N GLU C 252 20.31 36.52 12.52
CA GLU C 252 19.11 36.91 11.74
C GLU C 252 18.31 35.67 11.32
N LEU C 253 18.99 34.60 10.89
CA LEU C 253 18.35 33.33 10.46
C LEU C 253 17.56 32.71 11.63
N PHE C 254 18.15 32.70 12.83
CA PHE C 254 17.53 32.18 14.08
C PHE C 254 16.13 32.80 14.25
N LYS C 255 16.05 34.13 14.20
CA LYS C 255 14.77 34.90 14.36
C LYS C 255 13.77 34.43 13.29
N LEU C 256 14.19 34.41 12.02
CA LEU C 256 13.32 34.08 10.86
C LEU C 256 12.75 32.67 11.02
N LEU C 257 13.57 31.68 11.37
CA LEU C 257 13.12 30.28 11.61
C LEU C 257 12.09 30.29 12.76
N LYS C 258 12.45 30.87 13.92
CA LYS C 258 11.56 30.97 15.10
C LYS C 258 10.23 31.60 14.66
N GLU C 259 10.26 32.57 13.75
CA GLU C 259 9.07 33.35 13.29
C GLU C 259 8.24 32.54 12.28
N GLY C 260 8.77 31.41 11.77
CA GLY C 260 8.04 30.49 10.88
C GLY C 260 8.53 30.49 9.44
N HIS C 261 9.53 31.32 9.11
CA HIS C 261 10.11 31.41 7.73
C HIS C 261 10.84 30.10 7.40
N ARG C 262 10.61 29.58 6.19
CA ARG C 262 11.31 28.41 5.60
C ARG C 262 11.79 28.81 4.21
N MET C 263 12.87 28.20 3.72
CA MET C 263 13.48 28.57 2.43
C MET C 263 12.50 28.23 1.29
N ASP C 264 12.50 29.06 0.24
CA ASP C 264 11.68 28.88 -0.98
C ASP C 264 11.97 27.53 -1.64
N LYS C 265 11.09 27.09 -2.53
CA LYS C 265 11.26 25.89 -3.38
C LYS C 265 12.38 26.14 -4.38
N PRO C 266 13.38 25.23 -4.52
CA PRO C 266 14.40 25.35 -5.56
C PRO C 266 13.79 25.21 -6.96
N SER C 267 14.48 25.71 -7.98
CA SER C 267 14.00 25.83 -9.38
C SER C 267 13.40 24.50 -9.86
N ASN C 268 14.21 23.58 -10.35
CA ASN C 268 13.70 22.27 -10.87
C ASN C 268 13.54 21.33 -9.68
N CYS C 269 12.38 21.41 -9.04
CA CYS C 269 12.02 20.61 -7.84
C CYS C 269 10.49 20.41 -7.82
N THR C 270 10.05 19.16 -7.76
CA THR C 270 8.62 18.76 -7.74
C THR C 270 7.96 19.30 -6.46
N ASN C 271 6.62 19.37 -6.45
CA ASN C 271 5.80 19.67 -5.24
C ASN C 271 6.18 18.68 -4.13
N GLU C 272 6.26 17.39 -4.44
CA GLU C 272 6.41 16.32 -3.42
C GLU C 272 7.80 16.41 -2.77
N LEU C 273 8.86 16.55 -3.55
CA LEU C 273 10.24 16.66 -3.00
C LEU C 273 10.35 17.91 -2.13
N TYR C 274 9.67 19.01 -2.48
CA TYR C 274 9.66 20.26 -1.68
C TYR C 274 8.84 20.08 -0.40
N MET C 275 7.72 19.34 -0.48
CA MET C 275 6.86 19.00 0.69
C MET C 275 7.69 18.19 1.70
N MET C 276 8.58 17.33 1.19
CA MET C 276 9.47 16.48 2.02
C MET C 276 10.40 17.38 2.83
N MET C 277 10.97 18.40 2.18
CA MET C 277 11.82 19.42 2.85
C MET C 277 11.02 20.13 3.95
N ARG C 278 9.81 20.59 3.62
CA ARG C 278 8.95 21.40 4.53
C ARG C 278 8.52 20.53 5.72
N ASP C 279 8.29 19.23 5.47
CA ASP C 279 7.90 18.21 6.48
C ASP C 279 9.10 17.98 7.41
N CYS C 280 10.32 17.94 6.86
CA CYS C 280 11.58 17.83 7.64
C CYS C 280 11.81 19.09 8.50
N TRP C 281 11.19 20.23 8.15
CA TRP C 281 11.38 21.53 8.85
C TRP C 281 10.17 21.91 9.70
N HIS C 282 9.46 20.96 10.30
CA HIS C 282 8.45 21.25 11.36
C HIS C 282 9.19 21.74 12.61
N ALA C 283 8.64 22.73 13.30
CA ALA C 283 9.17 23.28 14.58
C ALA C 283 9.16 22.18 15.65
N VAL C 284 8.10 21.34 15.66
CA VAL C 284 7.94 20.20 16.62
C VAL C 284 8.66 18.98 16.04
N PRO C 285 9.73 18.47 16.70
CA PRO C 285 10.48 17.32 16.19
C PRO C 285 9.65 16.05 15.90
N SER C 286 8.64 15.77 16.72
CA SER C 286 7.76 14.57 16.61
C SER C 286 6.85 14.68 15.39
N GLN C 287 6.67 15.88 14.81
CA GLN C 287 5.82 16.10 13.61
C GLN C 287 6.65 15.98 12.33
N ARG C 288 7.97 15.82 12.44
CA ARG C 288 8.86 15.55 11.29
C ARG C 288 8.77 14.07 10.95
N PRO C 289 8.96 13.67 9.67
CA PRO C 289 9.05 12.26 9.32
C PRO C 289 10.28 11.60 9.95
N THR C 290 10.31 10.26 9.87
CA THR C 290 11.47 9.41 10.22
C THR C 290 12.26 9.16 8.94
N PHE C 291 13.52 8.74 9.07
CA PHE C 291 14.37 8.27 7.94
C PHE C 291 13.73 7.04 7.29
N LYS C 292 13.09 6.17 8.09
CA LYS C 292 12.31 5.01 7.58
C LYS C 292 11.25 5.51 6.59
N GLN C 293 10.43 6.47 7.03
CA GLN C 293 9.34 7.11 6.24
C GLN C 293 9.94 7.82 5.01
N LEU C 294 11.09 8.49 5.18
CA LEU C 294 11.75 9.29 4.10
C LEU C 294 12.32 8.35 3.04
N VAL C 295 12.84 7.19 3.43
CA VAL C 295 13.44 6.20 2.48
C VAL C 295 12.32 5.57 1.65
N GLU C 296 11.18 5.22 2.26
CA GLU C 296 10.02 4.66 1.52
C GLU C 296 9.58 5.69 0.47
N ASP C 297 9.42 6.95 0.88
CA ASP C 297 8.93 8.06 0.00
C ASP C 297 9.96 8.33 -1.11
N LEU C 298 11.25 8.20 -0.83
CA LEU C 298 12.31 8.46 -1.84
C LEU C 298 12.46 7.24 -2.78
N ASP C 299 12.23 6.02 -2.29
CA ASP C 299 12.28 4.78 -3.13
C ASP C 299 11.27 4.91 -4.29
N ARG C 300 10.02 5.25 -3.96
CA ARG C 300 8.94 5.49 -4.95
C ARG C 300 9.37 6.59 -5.93
N ILE C 301 9.72 7.78 -5.41
CA ILE C 301 10.04 9.00 -6.20
C ILE C 301 11.24 8.75 -7.13
N VAL C 302 12.23 7.96 -6.70
CA VAL C 302 13.38 7.54 -7.58
C VAL C 302 12.80 6.73 -8.75
N ALA C 303 11.85 5.84 -8.45
CA ALA C 303 11.21 4.94 -9.44
C ALA C 303 10.41 5.76 -10.47
N LEU C 304 9.68 6.79 -10.03
CA LEU C 304 8.72 7.55 -10.89
C LEU C 304 9.46 8.57 -11.78
N THR C 305 10.63 9.07 -11.38
CA THR C 305 11.44 10.06 -12.15
C THR C 305 11.96 9.39 -13.42
N TRP D 15 19.13 -28.85 -15.59
CA TRP D 15 19.17 -27.37 -15.84
C TRP D 15 20.59 -26.83 -15.61
N GLU D 16 21.60 -27.46 -16.22
CA GLU D 16 23.02 -27.06 -16.07
C GLU D 16 23.77 -27.27 -17.40
N LEU D 17 24.40 -26.22 -17.91
CA LEU D 17 25.25 -26.24 -19.13
C LEU D 17 26.69 -25.96 -18.72
N PRO D 18 27.67 -26.79 -19.15
CA PRO D 18 29.08 -26.45 -18.99
C PRO D 18 29.42 -25.14 -19.72
N ARG D 19 30.11 -24.22 -19.06
CA ARG D 19 30.53 -22.90 -19.63
C ARG D 19 31.23 -23.10 -20.98
N ASP D 20 31.93 -24.23 -21.15
CA ASP D 20 32.66 -24.63 -22.40
C ASP D 20 31.69 -24.69 -23.58
N ARG D 21 30.43 -25.09 -23.35
CA ARG D 21 29.41 -25.32 -24.41
C ARG D 21 28.80 -24.01 -24.91
N LEU D 22 29.02 -22.89 -24.19
CA LEU D 22 28.46 -21.56 -24.51
C LEU D 22 29.56 -20.61 -24.99
N VAL D 23 29.40 -20.06 -26.20
CA VAL D 23 30.28 -19.00 -26.78
C VAL D 23 29.43 -17.76 -27.02
N LEU D 24 29.87 -16.61 -26.49
CA LEU D 24 29.04 -15.37 -26.31
C LEU D 24 29.32 -14.40 -27.46
N GLY D 25 28.27 -14.06 -28.23
CA GLY D 25 28.34 -13.10 -29.36
C GLY D 25 28.12 -11.67 -28.91
N LYS D 26 27.29 -10.91 -29.66
CA LYS D 26 27.05 -9.46 -29.45
C LYS D 26 26.24 -9.22 -28.17
N GLN D 35 20.46 -6.94 -18.90
CA GLN D 35 21.67 -7.20 -19.72
C GLN D 35 21.50 -8.52 -20.49
N VAL D 36 21.30 -8.43 -21.81
CA VAL D 36 21.06 -9.58 -22.73
C VAL D 36 22.07 -9.55 -23.87
N VAL D 37 22.69 -10.69 -24.19
CA VAL D 37 23.64 -10.84 -25.33
C VAL D 37 23.31 -12.14 -26.08
N LEU D 38 23.48 -12.13 -27.40
CA LEU D 38 23.28 -13.30 -28.29
C LEU D 38 24.49 -14.23 -28.12
N ALA D 39 24.28 -15.53 -28.33
CA ALA D 39 25.28 -16.60 -28.09
C ALA D 39 24.92 -17.84 -28.91
N GLU D 40 25.69 -18.91 -28.74
CA GLU D 40 25.46 -20.24 -29.37
C GLU D 40 25.77 -21.31 -28.34
N ALA D 41 24.75 -22.10 -27.96
CA ALA D 41 24.88 -23.28 -27.08
C ALA D 41 25.24 -24.48 -27.95
N ILE D 42 26.27 -25.23 -27.57
CA ILE D 42 26.75 -26.45 -28.29
C ILE D 42 26.14 -27.67 -27.61
N GLY D 43 25.51 -28.56 -28.39
CA GLY D 43 24.83 -29.77 -27.90
C GLY D 43 23.93 -29.47 -26.72
N LEU D 44 22.67 -29.07 -27.00
CA LEU D 44 21.61 -28.82 -25.99
C LEU D 44 20.83 -30.12 -25.76
N ASP D 45 20.50 -30.85 -26.84
CA ASP D 45 19.86 -32.19 -26.80
C ASP D 45 20.91 -33.27 -27.11
N LYS D 48 21.40 -35.24 -31.21
CA LYS D 48 22.16 -34.23 -31.99
C LYS D 48 23.11 -33.48 -31.06
N PRO D 49 24.21 -34.12 -30.59
CA PRO D 49 25.15 -33.48 -29.66
C PRO D 49 26.19 -32.59 -30.35
N ASN D 50 26.19 -32.53 -31.69
CA ASN D 50 27.09 -31.67 -32.50
C ASN D 50 26.26 -30.62 -33.28
N ARG D 51 24.97 -30.51 -32.98
CA ARG D 51 24.08 -29.42 -33.48
C ARG D 51 24.29 -28.19 -32.58
N VAL D 52 24.52 -27.02 -33.19
CA VAL D 52 24.72 -25.73 -32.47
C VAL D 52 23.42 -24.91 -32.59
N THR D 53 22.85 -24.51 -31.45
CA THR D 53 21.61 -23.69 -31.35
C THR D 53 21.99 -22.26 -30.98
N LYS D 54 21.39 -21.28 -31.66
CA LYS D 54 21.50 -19.83 -31.29
C LYS D 54 20.51 -19.58 -30.14
N VAL D 55 20.97 -18.91 -29.08
CA VAL D 55 20.23 -18.71 -27.81
C VAL D 55 20.44 -17.27 -27.33
N ALA D 56 19.59 -16.82 -26.39
CA ALA D 56 19.72 -15.52 -25.70
C ALA D 56 20.09 -15.78 -24.24
N VAL D 57 20.93 -14.92 -23.66
CA VAL D 57 21.52 -15.09 -22.30
C VAL D 57 21.24 -13.82 -21.48
N LYS D 58 20.57 -13.97 -20.33
CA LYS D 58 20.42 -12.89 -19.30
C LYS D 58 21.57 -13.00 -18.30
N MET D 59 22.14 -11.87 -17.90
CA MET D 59 23.24 -11.78 -16.89
C MET D 59 23.15 -10.45 -16.12
N LEU D 60 23.70 -10.43 -14.90
CA LEU D 60 23.77 -9.21 -14.04
C LEU D 60 24.76 -8.20 -14.67
N LYS D 61 24.54 -6.91 -14.44
CA LYS D 61 25.37 -5.80 -14.97
C LYS D 61 26.48 -5.45 -13.96
N SER D 62 27.08 -4.26 -14.09
CA SER D 62 28.09 -3.69 -13.15
C SER D 62 27.38 -3.04 -11.95
N THR D 65 23.26 -4.54 -7.51
CA THR D 65 22.20 -4.78 -6.48
C THR D 65 22.17 -6.27 -6.11
N GLU D 66 22.03 -6.58 -4.82
CA GLU D 66 21.93 -7.97 -4.28
C GLU D 66 20.52 -8.53 -4.59
N LYS D 67 19.49 -7.67 -4.54
CA LYS D 67 18.08 -8.02 -4.89
C LYS D 67 17.97 -8.27 -6.39
N ASP D 68 18.79 -7.56 -7.19
CA ASP D 68 18.93 -7.75 -8.66
C ASP D 68 19.31 -9.22 -8.96
N LEU D 69 20.21 -9.79 -8.17
CA LEU D 69 20.71 -11.18 -8.32
C LEU D 69 19.60 -12.19 -7.96
N SER D 70 18.83 -11.93 -6.90
CA SER D 70 17.69 -12.77 -6.46
C SER D 70 16.53 -12.64 -7.47
N ASP D 71 16.39 -11.47 -8.10
CA ASP D 71 15.37 -11.18 -9.14
C ASP D 71 15.61 -12.10 -10.36
N LEU D 72 16.87 -12.22 -10.79
CA LEU D 72 17.27 -13.07 -11.95
C LEU D 72 17.09 -14.55 -11.62
N ILE D 73 17.26 -14.93 -10.34
CA ILE D 73 17.07 -16.33 -9.84
C ILE D 73 15.57 -16.64 -9.75
N SER D 74 14.76 -15.69 -9.28
CA SER D 74 13.29 -15.84 -9.14
C SER D 74 12.65 -16.00 -10.53
N GLU D 75 13.15 -15.27 -11.52
CA GLU D 75 12.82 -15.45 -12.97
C GLU D 75 13.10 -16.89 -13.38
N MET D 76 14.34 -17.33 -13.17
CA MET D 76 14.84 -18.69 -13.52
C MET D 76 13.92 -19.73 -12.87
N GLU D 77 13.76 -19.64 -11.54
CA GLU D 77 12.93 -20.55 -10.71
C GLU D 77 11.48 -20.52 -11.22
N MET D 78 10.94 -19.31 -11.44
CA MET D 78 9.56 -19.08 -11.98
C MET D 78 9.41 -19.77 -13.34
N MET D 79 10.40 -19.63 -14.22
CA MET D 79 10.37 -20.16 -15.61
C MET D 79 10.43 -21.70 -15.58
N LYS D 80 11.20 -22.28 -14.64
CA LYS D 80 11.25 -23.76 -14.39
C LYS D 80 9.86 -24.25 -13.96
N MET D 81 9.30 -23.62 -12.92
CA MET D 81 7.96 -23.94 -12.34
C MET D 81 6.93 -24.05 -13.47
N ILE D 82 6.88 -23.05 -14.36
CA ILE D 82 5.88 -22.91 -15.46
C ILE D 82 6.16 -23.97 -16.53
N GLY D 83 7.44 -24.16 -16.89
CA GLY D 83 7.86 -25.18 -17.87
C GLY D 83 7.74 -24.69 -19.32
N LYS D 84 7.42 -25.61 -20.24
CA LYS D 84 7.63 -25.46 -21.70
C LYS D 84 6.29 -25.37 -22.44
N HIS D 85 6.18 -24.41 -23.36
CA HIS D 85 5.10 -24.32 -24.39
C HIS D 85 5.72 -23.71 -25.65
N LYS D 86 5.16 -24.05 -26.82
CA LYS D 86 5.63 -23.56 -28.13
C LYS D 86 5.65 -22.03 -28.11
N ASN D 87 4.58 -21.42 -27.56
CA ASN D 87 4.23 -19.99 -27.74
C ASN D 87 4.69 -19.15 -26.55
N ILE D 88 5.76 -19.56 -25.83
CA ILE D 88 6.48 -18.70 -24.85
C ILE D 88 7.99 -18.84 -25.07
N ILE D 89 8.77 -17.85 -24.61
CA ILE D 89 10.26 -17.92 -24.55
C ILE D 89 10.65 -18.91 -23.44
N ASN D 90 11.14 -20.09 -23.83
CA ASN D 90 11.40 -21.25 -22.94
C ASN D 90 12.80 -21.10 -22.31
N LEU D 91 12.92 -21.49 -21.03
CA LEU D 91 14.22 -21.64 -20.34
C LEU D 91 14.93 -22.86 -20.94
N LEU D 92 16.10 -22.67 -21.56
CA LEU D 92 16.85 -23.76 -22.24
C LEU D 92 17.88 -24.36 -21.28
N GLY D 93 18.59 -23.52 -20.53
CA GLY D 93 19.58 -23.94 -19.53
C GLY D 93 20.14 -22.75 -18.77
N ALA D 94 21.16 -22.99 -17.94
CA ALA D 94 21.84 -21.94 -17.14
C ALA D 94 23.23 -22.44 -16.69
N CYS D 95 24.17 -21.50 -16.55
CA CYS D 95 25.53 -21.71 -15.98
C CYS D 95 25.56 -21.11 -14.56
N THR D 96 25.23 -21.94 -13.56
CA THR D 96 25.19 -21.58 -12.11
C THR D 96 26.62 -21.64 -11.54
N GLY D 99 31.85 -19.76 -12.08
CA GLY D 99 31.81 -18.57 -12.95
C GLY D 99 30.54 -17.75 -12.76
N PRO D 100 30.43 -16.55 -13.38
CA PRO D 100 29.25 -15.68 -13.22
C PRO D 100 27.93 -16.33 -13.67
N LEU D 101 26.81 -15.65 -13.38
CA LEU D 101 25.43 -16.17 -13.59
C LEU D 101 24.98 -15.89 -15.03
N TYR D 102 24.52 -16.94 -15.72
CA TYR D 102 23.94 -16.91 -17.09
C TYR D 102 22.62 -17.69 -17.11
N VAL D 103 21.51 -17.02 -17.45
CA VAL D 103 20.18 -17.65 -17.68
C VAL D 103 19.95 -17.68 -19.19
N ILE D 104 19.89 -18.89 -19.78
CA ILE D 104 19.87 -19.12 -21.26
C ILE D 104 18.44 -19.46 -21.68
N VAL D 105 17.93 -18.77 -22.70
CA VAL D 105 16.52 -18.86 -23.17
C VAL D 105 16.50 -18.89 -24.70
N GLU D 106 15.32 -19.08 -25.30
CA GLU D 106 15.11 -19.23 -26.77
C GLU D 106 15.42 -17.91 -27.48
N TYR D 107 15.90 -18.01 -28.73
CA TYR D 107 16.37 -16.90 -29.58
C TYR D 107 15.31 -16.60 -30.64
N ALA D 108 14.71 -15.40 -30.56
CA ALA D 108 13.69 -14.91 -31.51
C ALA D 108 14.35 -13.95 -32.50
N SER D 109 14.78 -14.48 -33.65
CA SER D 109 15.61 -13.80 -34.68
C SER D 109 14.94 -12.52 -35.19
N LYS D 110 13.61 -12.53 -35.33
CA LYS D 110 12.83 -11.46 -36.02
C LYS D 110 12.31 -10.41 -35.03
N GLY D 111 12.75 -10.44 -33.77
CA GLY D 111 12.47 -9.42 -32.74
C GLY D 111 11.03 -9.42 -32.27
N ASN D 112 10.60 -8.33 -31.62
CA ASN D 112 9.24 -8.17 -31.02
C ASN D 112 8.20 -7.99 -32.14
N LEU D 113 6.92 -8.21 -31.81
CA LEU D 113 5.78 -8.33 -32.78
C LEU D 113 5.38 -6.95 -33.33
N ARG D 114 5.54 -5.89 -32.53
CA ARG D 114 5.29 -4.49 -32.98
C ARG D 114 6.20 -4.21 -34.18
N GLU D 115 7.52 -4.32 -34.00
CA GLU D 115 8.53 -3.99 -35.03
C GLU D 115 8.41 -4.97 -36.22
N TYR D 116 8.10 -6.25 -35.96
CA TYR D 116 7.79 -7.27 -36.98
C TYR D 116 6.65 -6.80 -37.88
N LEU D 117 5.54 -6.36 -37.29
CA LEU D 117 4.31 -5.94 -38.02
C LEU D 117 4.57 -4.64 -38.80
N GLN D 118 5.30 -3.70 -38.20
CA GLN D 118 5.53 -2.35 -38.77
C GLN D 118 6.42 -2.47 -40.01
N ALA D 119 7.38 -3.40 -40.01
CA ALA D 119 8.32 -3.63 -41.13
C ALA D 119 7.61 -4.38 -42.26
N ARG D 120 6.43 -4.95 -41.99
CA ARG D 120 5.62 -5.73 -42.95
C ARG D 120 4.32 -4.98 -43.26
N ARG D 121 4.30 -3.67 -42.98
CA ARG D 121 3.21 -2.76 -43.38
C ARG D 121 3.25 -2.59 -44.90
N PRO D 122 2.09 -2.75 -45.60
CA PRO D 122 2.04 -2.55 -47.05
C PRO D 122 2.56 -1.17 -47.45
N PRO D 123 3.48 -1.06 -48.43
CA PRO D 123 3.86 0.26 -48.96
C PRO D 123 2.63 0.97 -49.56
N GLY D 124 2.60 2.30 -49.53
CA GLY D 124 1.51 3.10 -50.11
C GLY D 124 0.86 4.03 -49.10
N LEU D 125 0.35 5.17 -49.59
CA LEU D 125 -0.30 6.23 -48.79
C LEU D 125 -1.59 5.72 -48.14
N GLU D 126 -2.14 4.59 -48.61
CA GLU D 126 -3.43 4.02 -48.11
C GLU D 126 -3.25 3.30 -46.77
N TYR D 127 -2.01 2.97 -46.41
CA TYR D 127 -1.66 2.12 -45.24
C TYR D 127 -0.60 2.86 -44.41
N SER D 128 -0.60 2.64 -43.09
CA SER D 128 0.24 3.35 -42.10
C SER D 128 1.72 3.20 -42.50
N TYR D 129 2.54 4.16 -42.06
CA TYR D 129 3.96 4.33 -42.47
C TYR D 129 4.79 3.14 -41.99
N ASN D 130 5.58 2.57 -42.92
CA ASN D 130 6.58 1.50 -42.67
C ASN D 130 7.89 2.20 -42.31
N PRO D 131 8.34 2.14 -41.03
CA PRO D 131 9.55 2.87 -40.61
C PRO D 131 10.87 2.11 -40.86
N SER D 132 10.80 0.86 -41.33
CA SER D 132 11.96 -0.05 -41.48
C SER D 132 12.84 0.39 -42.66
N HIS D 133 14.16 0.51 -42.43
CA HIS D 133 15.21 0.73 -43.46
C HIS D 133 15.28 -0.50 -44.38
N ASN D 134 15.14 -1.70 -43.79
CA ASN D 134 15.02 -3.00 -44.50
C ASN D 134 13.60 -3.54 -44.33
N PRO D 135 12.63 -3.14 -45.18
CA PRO D 135 11.25 -3.61 -45.05
C PRO D 135 11.10 -5.07 -45.52
N GLU D 136 10.09 -5.76 -45.01
CA GLU D 136 9.86 -7.22 -45.25
C GLU D 136 8.45 -7.44 -45.83
N GLU D 137 8.19 -8.66 -46.30
CA GLU D 137 6.98 -9.06 -47.09
C GLU D 137 5.70 -8.88 -46.26
N GLN D 138 4.59 -8.53 -46.92
CA GLN D 138 3.25 -8.36 -46.30
C GLN D 138 2.78 -9.65 -45.62
N LEU D 139 1.81 -9.54 -44.72
CA LEU D 139 1.07 -10.68 -44.10
C LEU D 139 -0.37 -10.67 -44.63
N SER D 140 -0.93 -11.85 -44.88
CA SER D 140 -2.37 -12.06 -45.23
C SER D 140 -3.22 -11.86 -43.98
N SER D 141 -4.54 -11.73 -44.15
CA SER D 141 -5.55 -11.72 -43.05
C SER D 141 -5.35 -12.97 -42.17
N LYS D 142 -5.19 -14.14 -42.80
CA LYS D 142 -5.04 -15.46 -42.13
C LYS D 142 -3.78 -15.45 -41.26
N ASP D 143 -2.68 -14.87 -41.74
CA ASP D 143 -1.40 -14.74 -41.00
C ASP D 143 -1.59 -13.89 -39.74
N LEU D 144 -2.44 -12.86 -39.81
CA LEU D 144 -2.73 -11.94 -38.67
C LEU D 144 -3.56 -12.69 -37.61
N VAL D 145 -4.61 -13.39 -38.01
CA VAL D 145 -5.50 -14.15 -37.07
C VAL D 145 -4.67 -15.26 -36.43
N SER D 146 -3.84 -15.94 -37.23
CA SER D 146 -2.86 -16.97 -36.79
C SER D 146 -1.95 -16.40 -35.70
N CYS D 147 -1.46 -15.16 -35.88
N CYS D 147 -1.45 -15.16 -35.91
CA CYS D 147 -0.60 -14.44 -34.90
CA CYS D 147 -0.61 -14.41 -34.93
C CYS D 147 -1.37 -14.26 -33.59
C CYS D 147 -1.37 -14.27 -33.61
N ALA D 148 -2.63 -13.83 -33.67
CA ALA D 148 -3.54 -13.65 -32.52
C ALA D 148 -3.78 -14.99 -31.82
N TYR D 149 -4.05 -16.04 -32.59
CA TYR D 149 -4.26 -17.43 -32.10
C TYR D 149 -3.06 -17.88 -31.26
N GLN D 150 -1.86 -17.83 -31.85
CA GLN D 150 -0.59 -18.27 -31.22
C GLN D 150 -0.42 -17.56 -29.87
N VAL D 151 -0.55 -16.23 -29.86
CA VAL D 151 -0.43 -15.37 -28.64
C VAL D 151 -1.41 -15.86 -27.58
N ALA D 152 -2.66 -16.12 -27.99
CA ALA D 152 -3.76 -16.61 -27.13
C ALA D 152 -3.41 -17.99 -26.54
N ARG D 153 -2.87 -18.89 -27.38
CA ARG D 153 -2.47 -20.28 -27.00
C ARG D 153 -1.37 -20.20 -25.94
N GLY D 154 -0.44 -19.25 -26.09
CA GLY D 154 0.63 -18.98 -25.12
C GLY D 154 0.08 -18.55 -23.77
N MET D 155 -0.87 -17.59 -23.78
CA MET D 155 -1.49 -17.02 -22.56
C MET D 155 -2.39 -18.08 -21.91
N GLU D 156 -3.06 -18.92 -22.72
CA GLU D 156 -3.90 -20.05 -22.23
C GLU D 156 -3.04 -20.93 -21.31
N TYR D 157 -1.82 -21.27 -21.74
CA TYR D 157 -0.86 -22.12 -21.00
C TYR D 157 -0.43 -21.42 -19.71
N LEU D 158 0.07 -20.19 -19.84
CA LEU D 158 0.59 -19.36 -18.70
C LEU D 158 -0.51 -19.19 -17.64
N ALA D 159 -1.75 -18.94 -18.07
CA ALA D 159 -2.92 -18.77 -17.19
C ALA D 159 -3.23 -20.09 -16.48
N SER D 160 -3.07 -21.22 -17.17
CA SER D 160 -3.31 -22.59 -16.63
C SER D 160 -2.27 -22.92 -15.56
N LYS D 161 -1.08 -22.31 -15.64
CA LYS D 161 0.04 -22.48 -14.66
C LYS D 161 0.06 -21.29 -13.68
N LYS D 162 -1.07 -20.60 -13.50
CA LYS D 162 -1.27 -19.56 -12.46
C LYS D 162 -0.27 -18.41 -12.67
N CYS D 163 0.05 -18.08 -13.93
CA CYS D 163 0.92 -16.94 -14.31
C CYS D 163 0.05 -15.78 -14.82
N ILE D 164 0.14 -14.63 -14.16
CA ILE D 164 -0.44 -13.33 -14.61
C ILE D 164 0.71 -12.48 -15.17
N HIS D 165 0.58 -12.02 -16.42
CA HIS D 165 1.64 -11.30 -17.17
C HIS D 165 1.79 -9.88 -16.61
N ARG D 166 0.70 -9.10 -16.62
CA ARG D 166 0.59 -7.72 -16.08
C ARG D 166 1.08 -6.68 -17.09
N ASP D 167 1.59 -7.08 -18.26
CA ASP D 167 2.09 -6.12 -19.29
C ASP D 167 2.08 -6.81 -20.66
N LEU D 168 0.98 -7.48 -21.01
CA LEU D 168 0.81 -8.14 -22.34
C LEU D 168 0.62 -7.04 -23.39
N ALA D 169 1.57 -6.96 -24.33
CA ALA D 169 1.60 -6.04 -25.48
C ALA D 169 2.48 -6.65 -26.58
N ALA D 170 2.33 -6.17 -27.82
CA ALA D 170 3.07 -6.69 -29.00
C ALA D 170 4.58 -6.58 -28.75
N ARG D 171 5.03 -5.59 -27.98
CA ARG D 171 6.48 -5.34 -27.69
C ARG D 171 7.01 -6.42 -26.73
N ASN D 172 6.12 -7.14 -26.04
CA ASN D 172 6.45 -8.23 -25.09
C ASN D 172 6.12 -9.60 -25.72
N VAL D 173 5.92 -9.64 -27.04
CA VAL D 173 5.84 -10.89 -27.86
C VAL D 173 6.97 -10.85 -28.87
N LEU D 174 7.80 -11.90 -28.93
CA LEU D 174 8.91 -12.04 -29.90
C LEU D 174 8.49 -13.02 -31.00
N VAL D 175 9.12 -12.93 -32.17
CA VAL D 175 8.87 -13.80 -33.35
C VAL D 175 10.18 -14.51 -33.72
N THR D 176 10.13 -15.83 -33.92
CA THR D 176 11.31 -16.69 -34.25
C THR D 176 11.55 -16.69 -35.76
N GLU D 177 12.58 -17.41 -36.21
CA GLU D 177 12.95 -17.57 -37.65
C GLU D 177 11.76 -18.14 -38.43
N ASP D 178 10.93 -18.98 -37.79
CA ASP D 178 9.87 -19.78 -38.47
C ASP D 178 8.48 -19.22 -38.16
N ASN D 179 8.36 -17.92 -37.88
CA ASN D 179 7.07 -17.19 -37.66
C ASN D 179 6.32 -17.77 -36.45
N VAL D 180 7.03 -18.21 -35.41
CA VAL D 180 6.41 -18.70 -34.15
C VAL D 180 6.37 -17.52 -33.16
N MET D 181 5.17 -17.21 -32.64
CA MET D 181 4.96 -16.14 -31.62
C MET D 181 5.30 -16.72 -30.24
N LYS D 182 6.14 -16.03 -29.47
CA LYS D 182 6.58 -16.45 -28.12
C LYS D 182 6.44 -15.27 -27.15
N ILE D 183 5.64 -15.45 -26.10
CA ILE D 183 5.43 -14.45 -25.03
C ILE D 183 6.72 -14.33 -24.23
N ALA D 184 7.12 -13.09 -23.90
CA ALA D 184 8.36 -12.72 -23.21
C ALA D 184 8.03 -12.07 -21.87
N ASP D 185 9.00 -12.02 -20.96
CA ASP D 185 8.92 -11.33 -19.64
C ASP D 185 7.68 -11.81 -18.87
N PHE D 186 7.42 -13.13 -18.84
CA PHE D 186 6.31 -13.72 -18.06
C PHE D 186 6.82 -14.15 -16.68
N GLY D 187 8.13 -14.05 -16.44
CA GLY D 187 8.79 -14.35 -15.16
C GLY D 187 9.01 -13.09 -14.32
N LEU D 188 9.45 -12.00 -14.94
CA LEU D 188 9.66 -10.68 -14.28
C LEU D 188 8.31 -10.02 -14.01
N TYR D 198 3.53 5.88 -14.19
CA TYR D 198 3.06 5.91 -15.60
C TYR D 198 4.04 6.74 -16.45
N LYS D 199 5.28 6.23 -16.61
CA LYS D 199 6.37 6.88 -17.38
C LYS D 199 6.54 6.14 -18.71
N LYS D 200 7.22 6.78 -19.68
CA LYS D 200 7.60 6.19 -20.98
C LYS D 200 8.74 5.19 -20.74
N THR D 201 8.70 4.02 -21.38
CA THR D 201 9.76 2.99 -21.34
C THR D 201 10.92 3.43 -22.23
N THR D 202 12.04 2.68 -22.20
CA THR D 202 13.25 2.88 -23.06
C THR D 202 12.87 2.81 -24.54
N ASN D 203 11.92 1.93 -24.91
CA ASN D 203 11.44 1.73 -26.30
C ASN D 203 10.43 2.82 -26.68
N GLY D 204 9.96 3.63 -25.71
CA GLY D 204 9.14 4.83 -25.92
C GLY D 204 7.65 4.57 -25.78
N ARG D 205 7.26 3.50 -25.06
CA ARG D 205 5.88 3.00 -24.94
C ARG D 205 5.23 3.55 -23.66
N LEU D 206 3.90 3.65 -23.63
CA LEU D 206 3.11 4.09 -22.45
C LEU D 206 2.29 2.91 -21.93
N PRO D 207 2.86 2.05 -21.06
CA PRO D 207 2.22 0.80 -20.65
C PRO D 207 0.82 0.93 -20.01
N VAL D 208 0.42 2.15 -19.64
CA VAL D 208 -0.90 2.44 -19.01
C VAL D 208 -2.04 2.14 -20.01
N LYS D 209 -1.75 2.19 -21.32
CA LYS D 209 -2.76 2.04 -22.40
C LYS D 209 -3.12 0.56 -22.61
N TRP D 210 -2.41 -0.37 -21.96
CA TRP D 210 -2.68 -1.83 -22.04
C TRP D 210 -3.38 -2.34 -20.76
N MET D 211 -3.47 -1.51 -19.72
CA MET D 211 -3.98 -1.92 -18.38
C MET D 211 -5.51 -1.86 -18.38
N ALA D 212 -6.15 -2.93 -17.89
CA ALA D 212 -7.59 -2.97 -17.58
C ALA D 212 -7.90 -1.87 -16.56
N PRO D 213 -9.14 -1.32 -16.53
CA PRO D 213 -9.52 -0.29 -15.56
C PRO D 213 -9.28 -0.69 -14.09
N GLU D 214 -9.70 -1.89 -13.70
CA GLU D 214 -9.56 -2.41 -12.30
C GLU D 214 -8.08 -2.49 -11.94
N ALA D 215 -7.19 -2.76 -12.91
CA ALA D 215 -5.73 -2.81 -12.73
C ALA D 215 -5.17 -1.39 -12.58
N LEU D 216 -5.66 -0.46 -13.39
CA LEU D 216 -5.18 0.95 -13.45
C LEU D 216 -5.60 1.69 -12.18
N PHE D 217 -6.90 1.70 -11.86
CA PHE D 217 -7.51 2.49 -10.76
C PHE D 217 -7.39 1.76 -9.41
N ASP D 218 -7.64 0.44 -9.37
CA ASP D 218 -7.72 -0.36 -8.10
C ASP D 218 -6.49 -1.26 -7.88
N ARG D 219 -5.58 -1.36 -8.85
CA ARG D 219 -4.39 -2.25 -8.79
C ARG D 219 -4.81 -3.72 -8.63
N ILE D 220 -5.97 -4.10 -9.19
CA ILE D 220 -6.48 -5.50 -9.23
C ILE D 220 -6.00 -6.16 -10.52
N TYR D 221 -5.01 -7.06 -10.43
CA TYR D 221 -4.46 -7.85 -11.56
C TYR D 221 -4.94 -9.30 -11.46
N THR D 222 -5.60 -9.76 -12.52
CA THR D 222 -6.13 -11.14 -12.68
C THR D 222 -5.88 -11.60 -14.13
N HIS D 223 -6.31 -12.81 -14.47
CA HIS D 223 -6.30 -13.34 -15.86
C HIS D 223 -7.25 -12.49 -16.71
N GLN D 224 -8.29 -11.93 -16.08
CA GLN D 224 -9.35 -11.14 -16.74
C GLN D 224 -8.77 -9.78 -17.16
N SER D 225 -7.89 -9.20 -16.34
CA SER D 225 -7.16 -7.95 -16.68
C SER D 225 -6.13 -8.22 -17.78
N ASP D 226 -5.59 -9.43 -17.86
CA ASP D 226 -4.68 -9.86 -18.96
C ASP D 226 -5.50 -10.01 -20.25
N VAL D 227 -6.75 -10.48 -20.16
CA VAL D 227 -7.68 -10.62 -21.32
C VAL D 227 -7.93 -9.25 -21.94
N TRP D 228 -8.09 -8.21 -21.10
CA TRP D 228 -8.22 -6.80 -21.54
C TRP D 228 -6.98 -6.41 -22.37
N SER D 229 -5.79 -6.63 -21.81
CA SER D 229 -4.50 -6.36 -22.49
C SER D 229 -4.48 -7.06 -23.86
N PHE D 230 -4.96 -8.31 -23.91
CA PHE D 230 -4.99 -9.13 -25.16
C PHE D 230 -5.84 -8.42 -26.22
N GLY D 231 -6.97 -7.83 -25.80
CA GLY D 231 -7.85 -7.03 -26.66
C GLY D 231 -7.11 -5.86 -27.29
N VAL D 232 -6.26 -5.17 -26.51
CA VAL D 232 -5.43 -4.04 -27.01
C VAL D 232 -4.34 -4.65 -27.90
N LEU D 233 -3.87 -5.85 -27.59
CA LEU D 233 -2.91 -6.60 -28.46
C LEU D 233 -3.61 -6.98 -29.78
N LEU D 234 -4.89 -7.35 -29.76
CA LEU D 234 -5.66 -7.63 -31.00
C LEU D 234 -5.70 -6.35 -31.86
N TRP D 235 -5.98 -5.21 -31.22
CA TRP D 235 -6.06 -3.88 -31.88
C TRP D 235 -4.71 -3.53 -32.51
N GLU D 236 -3.61 -3.85 -31.82
CA GLU D 236 -2.21 -3.65 -32.32
C GLU D 236 -1.97 -4.50 -33.57
N ILE D 237 -2.39 -5.76 -33.56
CA ILE D 237 -2.12 -6.75 -34.65
C ILE D 237 -2.81 -6.29 -35.95
N PHE D 238 -4.06 -5.82 -35.87
CA PHE D 238 -4.89 -5.46 -37.04
C PHE D 238 -4.68 -3.97 -37.41
N THR D 239 -3.87 -3.23 -36.65
CA THR D 239 -3.35 -1.88 -37.03
C THR D 239 -1.88 -2.02 -37.43
N LEU D 240 -1.39 -3.25 -37.57
CA LEU D 240 0.01 -3.57 -37.94
C LEU D 240 0.97 -2.76 -37.06
N GLY D 241 0.82 -2.89 -35.73
CA GLY D 241 1.71 -2.29 -34.72
C GLY D 241 1.40 -0.82 -34.47
N GLY D 242 0.11 -0.47 -34.46
CA GLY D 242 -0.37 0.89 -34.17
C GLY D 242 -0.29 1.24 -32.69
N SER D 243 -0.48 2.53 -32.37
CA SER D 243 -0.51 3.08 -30.99
C SER D 243 -1.95 3.12 -30.49
N PRO D 244 -2.32 2.32 -29.47
CA PRO D 244 -3.66 2.38 -28.88
C PRO D 244 -4.10 3.81 -28.52
N TYR D 245 -5.41 4.06 -28.60
CA TYR D 245 -6.08 5.35 -28.28
C TYR D 245 -5.48 6.46 -29.14
N PRO D 246 -5.60 6.35 -30.49
CA PRO D 246 -5.02 7.34 -31.41
C PRO D 246 -5.28 8.79 -31.01
N GLY D 247 -4.20 9.56 -30.83
CA GLY D 247 -4.24 11.02 -30.60
C GLY D 247 -4.58 11.40 -29.17
N VAL D 248 -4.77 10.42 -28.28
CA VAL D 248 -5.15 10.64 -26.86
C VAL D 248 -3.88 10.71 -26.02
N PRO D 249 -3.62 11.84 -25.33
CA PRO D 249 -2.50 11.92 -24.38
C PRO D 249 -2.89 11.23 -23.07
N VAL D 250 -1.90 10.75 -22.31
CA VAL D 250 -2.12 9.87 -21.12
C VAL D 250 -3.02 10.57 -20.10
N GLU D 251 -2.89 11.89 -19.94
CA GLU D 251 -3.66 12.67 -18.93
C GLU D 251 -5.16 12.62 -19.25
N GLU D 252 -5.54 12.53 -20.53
CA GLU D 252 -6.97 12.55 -20.96
C GLU D 252 -7.57 11.14 -20.95
N LEU D 253 -6.73 10.08 -20.91
CA LEU D 253 -7.16 8.66 -21.01
C LEU D 253 -7.93 8.24 -19.75
N PHE D 254 -7.47 8.65 -18.56
CA PHE D 254 -8.09 8.29 -17.25
C PHE D 254 -9.56 8.71 -17.25
N LYS D 255 -9.83 9.93 -17.72
CA LYS D 255 -11.18 10.51 -17.83
C LYS D 255 -12.03 9.65 -18.78
N LEU D 256 -11.46 9.27 -19.92
CA LEU D 256 -12.19 8.59 -21.02
C LEU D 256 -12.61 7.18 -20.60
N LEU D 257 -11.73 6.42 -19.94
CA LEU D 257 -12.03 5.04 -19.46
C LEU D 257 -13.16 5.08 -18.41
N LYS D 258 -13.25 6.14 -17.60
CA LYS D 258 -14.33 6.32 -16.60
C LYS D 258 -15.68 6.55 -17.30
N GLU D 259 -15.68 7.25 -18.44
CA GLU D 259 -16.89 7.52 -19.26
C GLU D 259 -17.22 6.29 -20.13
N GLY D 260 -16.44 5.21 -20.00
CA GLY D 260 -16.66 3.94 -20.71
C GLY D 260 -16.23 4.01 -22.17
N HIS D 261 -15.22 4.83 -22.48
CA HIS D 261 -14.61 4.93 -23.84
C HIS D 261 -13.89 3.62 -24.20
N ARG D 262 -14.09 3.17 -25.44
CA ARG D 262 -13.37 2.04 -26.07
C ARG D 262 -12.81 2.49 -27.42
N MET D 263 -11.67 1.93 -27.84
CA MET D 263 -11.14 2.15 -29.20
C MET D 263 -12.19 1.69 -30.22
N ASP D 264 -12.36 2.46 -31.29
CA ASP D 264 -13.20 2.11 -32.47
C ASP D 264 -12.46 1.05 -33.29
N LYS D 265 -13.14 0.47 -34.28
CA LYS D 265 -12.62 -0.64 -35.12
C LYS D 265 -11.46 -0.15 -35.97
N PRO D 266 -10.32 -0.88 -36.03
CA PRO D 266 -9.28 -0.59 -37.01
C PRO D 266 -9.84 -0.68 -38.43
N SER D 267 -9.45 0.26 -39.31
CA SER D 267 -9.70 0.19 -40.77
C SER D 267 -9.40 -1.24 -41.26
N ASN D 268 -10.27 -1.79 -42.10
CA ASN D 268 -10.03 -3.06 -42.84
C ASN D 268 -9.81 -4.19 -41.83
N CYS D 269 -10.53 -4.14 -40.71
CA CYS D 269 -10.67 -5.24 -39.71
C CYS D 269 -12.13 -5.70 -39.73
N THR D 270 -12.36 -7.01 -39.64
CA THR D 270 -13.73 -7.61 -39.62
C THR D 270 -14.45 -7.15 -38.34
N ASN D 271 -15.79 -7.08 -38.38
CA ASN D 271 -16.64 -6.82 -37.19
C ASN D 271 -16.47 -7.98 -36.20
N GLU D 272 -16.25 -9.18 -36.71
CA GLU D 272 -16.08 -10.41 -35.91
C GLU D 272 -14.95 -10.18 -34.89
N LEU D 273 -13.75 -9.86 -35.35
CA LEU D 273 -12.54 -9.67 -34.50
C LEU D 273 -12.65 -8.36 -33.69
N TYR D 274 -13.50 -7.42 -34.12
CA TYR D 274 -13.78 -6.18 -33.35
C TYR D 274 -14.73 -6.50 -32.19
N MET D 275 -15.75 -7.32 -32.43
CA MET D 275 -16.68 -7.79 -31.36
C MET D 275 -15.87 -8.56 -30.31
N MET D 276 -14.84 -9.28 -30.75
CA MET D 276 -13.92 -10.03 -29.85
C MET D 276 -13.12 -9.03 -29.00
N MET D 277 -12.63 -7.95 -29.60
CA MET D 277 -11.91 -6.86 -28.88
C MET D 277 -12.84 -6.28 -27.80
N ARG D 278 -14.03 -5.82 -28.20
CA ARG D 278 -15.01 -5.15 -27.30
C ARG D 278 -15.40 -6.09 -26.16
N ASP D 279 -15.39 -7.40 -26.42
CA ASP D 279 -15.74 -8.45 -25.43
C ASP D 279 -14.61 -8.54 -24.38
N CYS D 280 -13.35 -8.46 -24.82
CA CYS D 280 -12.15 -8.43 -23.95
C CYS D 280 -12.15 -7.15 -23.10
N TRP D 281 -12.88 -6.11 -23.51
CA TRP D 281 -12.88 -4.78 -22.85
C TRP D 281 -14.19 -4.53 -22.10
N HIS D 282 -14.82 -5.57 -21.55
CA HIS D 282 -16.03 -5.41 -20.69
C HIS D 282 -15.63 -4.68 -19.40
N ALA D 283 -16.48 -3.75 -18.96
CA ALA D 283 -16.35 -3.04 -17.66
C ALA D 283 -16.30 -4.07 -16.52
N VAL D 284 -17.09 -5.15 -16.62
CA VAL D 284 -17.15 -6.26 -15.61
C VAL D 284 -16.15 -7.35 -16.03
N PRO D 285 -15.03 -7.53 -15.30
CA PRO D 285 -14.02 -8.54 -15.65
C PRO D 285 -14.56 -9.95 -15.91
N SER D 286 -15.61 -10.35 -15.17
CA SER D 286 -16.24 -11.70 -15.24
C SER D 286 -16.88 -11.93 -16.61
N GLN D 287 -17.37 -10.86 -17.27
CA GLN D 287 -18.12 -10.95 -18.55
C GLN D 287 -17.16 -10.92 -19.76
N ARG D 288 -15.87 -10.72 -19.53
CA ARG D 288 -14.81 -10.90 -20.57
C ARG D 288 -14.64 -12.39 -20.83
N PRO D 289 -14.25 -12.79 -22.06
CA PRO D 289 -13.97 -14.19 -22.35
C PRO D 289 -12.70 -14.65 -21.64
N THR D 290 -12.56 -15.96 -21.38
CA THR D 290 -11.31 -16.58 -20.90
C THR D 290 -10.38 -16.77 -22.10
N PHE D 291 -9.09 -17.00 -21.85
CA PHE D 291 -8.09 -17.33 -22.91
C PHE D 291 -8.46 -18.65 -23.57
N LYS D 292 -8.90 -19.64 -22.79
CA LYS D 292 -9.36 -20.96 -23.31
C LYS D 292 -10.43 -20.73 -24.37
N GLN D 293 -11.39 -19.84 -24.10
CA GLN D 293 -12.48 -19.48 -25.04
C GLN D 293 -11.86 -18.77 -26.25
N LEU D 294 -11.01 -17.76 -26.03
CA LEU D 294 -10.32 -16.99 -27.11
C LEU D 294 -9.58 -17.95 -28.04
N VAL D 295 -8.83 -18.91 -27.50
CA VAL D 295 -8.05 -19.90 -28.29
C VAL D 295 -9.00 -20.68 -29.21
N GLU D 296 -10.14 -21.14 -28.68
CA GLU D 296 -11.17 -21.90 -29.44
C GLU D 296 -11.70 -21.02 -30.58
N ASP D 297 -12.17 -19.81 -30.25
CA ASP D 297 -12.87 -18.89 -31.18
C ASP D 297 -11.90 -18.40 -32.26
N LEU D 298 -10.61 -18.24 -31.94
CA LEU D 298 -9.58 -17.75 -32.90
C LEU D 298 -9.14 -18.88 -33.82
N ASP D 299 -9.21 -20.14 -33.34
CA ASP D 299 -8.92 -21.36 -34.14
C ASP D 299 -9.95 -21.47 -35.27
N ARG D 300 -11.23 -21.32 -34.92
CA ARG D 300 -12.37 -21.41 -35.89
C ARG D 300 -12.22 -20.30 -36.94
N ILE D 301 -11.74 -19.12 -36.54
CA ILE D 301 -11.66 -17.89 -37.40
C ILE D 301 -10.40 -17.97 -38.28
N VAL D 302 -9.35 -18.67 -37.86
CA VAL D 302 -8.13 -18.92 -38.70
C VAL D 302 -8.56 -19.65 -39.98
N ALA D 303 -9.45 -20.65 -39.84
CA ALA D 303 -9.93 -21.53 -40.94
C ALA D 303 -10.77 -20.72 -41.95
N LEU D 304 -11.76 -19.96 -41.44
CA LEU D 304 -12.74 -19.22 -42.28
C LEU D 304 -12.04 -18.05 -43.00
N THR D 305 -10.85 -17.65 -42.55
CA THR D 305 -10.02 -16.57 -43.16
C THR D 305 -9.00 -17.19 -44.12
N SER D 306 -8.91 -16.65 -45.34
CA SER D 306 -7.84 -16.96 -46.35
C SER D 306 -7.09 -15.67 -46.72
S SO4 E . -10.24 -6.13 15.40
O1 SO4 E . -10.68 -6.21 16.78
O2 SO4 E . -9.57 -7.36 15.05
O3 SO4 E . -11.38 -5.95 14.54
O4 SO4 E . -9.33 -5.03 15.24
C1 XL6 F . -3.33 -26.22 17.53
C2 XL6 F . -2.46 -25.31 16.91
C3 XL6 F . -1.12 -25.26 17.23
C4 XL6 F . -0.64 -26.13 18.21
C5 XL6 F . -1.49 -27.03 18.85
C6 XL6 F . -2.83 -27.07 18.51
O1 XL6 F . -4.65 -26.21 17.16
O2 XL6 F . -0.94 -27.85 19.79
C7 XL6 F . -5.41 -27.39 17.30
C8 XL6 F . -1.77 -28.50 20.74
CL1 XL6 F . -3.10 -24.24 15.71
CL2 XL6 F . 1.04 -26.12 18.66
C9 XL6 F . -0.20 -24.27 16.55
O3 XL6 F . 0.26 -24.81 15.31
C10 XL6 F . 0.72 -23.96 14.33
C11 XL6 F . 1.07 -22.64 14.59
N1 XL6 F . 1.52 -21.84 13.61
C12 XL6 F . 1.62 -22.38 12.37
N2 XL6 F . 1.29 -23.66 12.05
C13 XL6 F . 0.86 -24.44 13.03
N3 XL6 F . 2.06 -21.58 11.36
C14 XL6 F . 2.76 -20.35 11.34
C15 XL6 F . 2.32 -19.21 12.05
C16 XL6 F . 3.08 -18.02 11.98
C17 XL6 F . 4.21 -17.96 11.22
C18 XL6 F . 4.63 -19.08 10.52
C19 XL6 F . 3.93 -20.27 10.56
C20 XL6 F . 4.43 -21.46 9.78
N4 XL6 F . 1.17 -19.23 12.88
C21 XL6 F . 0.20 -18.29 12.93
C22 XL6 F . -0.88 -18.58 13.95
C23 XL6 F . -0.42 -18.36 15.36
O4 XL6 F . 0.17 -17.30 12.21
S SO4 G . -20.02 14.20 15.65
O1 SO4 G . -21.21 14.79 16.20
O2 SO4 G . -19.35 13.40 16.66
O3 SO4 G . -20.37 13.36 14.55
O4 SO4 G . -19.13 15.24 15.20
C1 XL6 H . -25.75 28.10 8.95
C2 XL6 H . -26.57 27.32 9.76
C3 XL6 H . -27.36 27.88 10.75
C4 XL6 H . -27.29 29.26 10.93
C5 XL6 H . -26.47 30.06 10.13
C6 XL6 H . -25.70 29.46 9.14
O1 XL6 H . -25.00 27.49 7.97
O2 XL6 H . -26.46 31.40 10.34
C7 XL6 H . -24.94 28.13 6.70
C8 XL6 H . -25.33 32.15 9.88
CL1 XL6 H . -26.63 25.61 9.50
CL2 XL6 H . -28.26 30.00 12.16
C9 XL6 H . -28.24 27.02 11.60
O3 XL6 H . -29.43 26.69 10.87
C10 XL6 H . -30.14 25.55 11.18
C11 XL6 H . -30.99 25.01 10.23
N1 XL6 H . -31.70 23.90 10.49
C12 XL6 H . -31.54 23.35 11.72
N2 XL6 H . -30.73 23.82 12.68
C13 XL6 H . -30.04 24.93 12.41
N3 XL6 H . -32.25 22.22 11.96
C14 XL6 H . -32.52 21.50 13.16
C15 XL6 H . -31.48 21.05 14.02
C16 XL6 H . -31.82 20.35 15.20
C17 XL6 H . -33.14 20.07 15.48
C18 XL6 H . -34.14 20.48 14.62
C19 XL6 H . -33.84 21.20 13.46
C20 XL6 H . -34.98 21.63 12.57
N4 XL6 H . -30.12 21.36 13.79
C21 XL6 H . -29.09 20.49 13.72
C22 XL6 H . -27.74 21.15 13.56
C23 XL6 H . -27.39 22.04 14.72
O4 XL6 H . -29.23 19.27 13.77
C1 XL6 I . 37.61 7.89 9.43
C2 XL6 I . 38.21 8.55 8.37
C3 XL6 I . 37.45 9.26 7.42
C4 XL6 I . 36.06 9.26 7.59
C5 XL6 I . 35.45 8.59 8.64
C6 XL6 I . 36.22 7.91 9.57
O1 XL6 I . 38.41 7.21 10.31
O2 XL6 I . 34.10 8.64 8.72
C7 XL6 I . 38.09 7.25 11.69
C8 XL6 I . 33.40 7.51 9.24
CL1 XL6 I . 39.94 8.49 8.23
CL2 XL6 I . 35.05 10.11 6.46
C9 XL6 I . 38.09 9.99 6.28
O3 XL6 I . 38.11 9.20 5.07
C10 XL6 I . 38.14 9.86 3.86
C11 XL6 I . 37.67 9.24 2.71
N1 XL6 I . 37.67 9.85 1.53
C12 XL6 I . 38.15 11.12 1.51
N2 XL6 I . 38.63 11.80 2.58
C13 XL6 I . 38.62 11.15 3.75
N3 XL6 I . 38.15 11.79 0.32
C14 XL6 I . 38.57 13.10 -0.02
C15 XL6 I . 38.02 14.25 0.59
C16 XL6 I . 38.47 15.53 0.18
C17 XL6 I . 39.46 15.65 -0.76
C18 XL6 I . 40.00 14.51 -1.34
C19 XL6 I . 39.57 13.23 -0.99
C20 XL6 I . 40.19 12.03 -1.64
N4 XL6 I . 36.99 14.15 1.56
C21 XL6 I . 37.00 14.62 2.84
C22 XL6 I . 38.27 15.32 3.29
C23 XL6 I . 38.52 15.21 4.77
O4 XL6 I . 36.04 14.48 3.59
S SO4 J . 2.67 3.62 -27.62
O1 SO4 J . 2.51 4.01 -26.25
O2 SO4 J . 1.38 3.37 -28.20
O3 SO4 J . 3.47 2.43 -27.70
O4 SO4 J . 3.33 4.67 -28.37
S SO4 K . 9.19 -1.64 -24.08
O1 SO4 K . 8.40 -1.77 -22.89
O2 SO4 K . 9.30 -2.93 -24.72
O3 SO4 K . 8.56 -0.71 -24.98
O4 SO4 K . 10.51 -1.16 -23.73
S SO4 L . 5.40 3.81 -47.17
O1 SO4 L . 4.27 3.59 -46.29
O2 SO4 L . 6.51 3.02 -46.72
O3 SO4 L . 5.05 3.41 -48.51
O4 SO4 L . 5.76 5.20 -47.16
C1 XL6 M . 12.76 -14.06 -21.29
C2 XL6 M . 13.31 -13.34 -22.34
C3 XL6 M . 14.67 -13.05 -22.39
C4 XL6 M . 15.48 -13.52 -21.36
C5 XL6 M . 14.94 -14.25 -20.29
C6 XL6 M . 13.58 -14.52 -20.27
O1 XL6 M . 11.41 -14.27 -21.35
O2 XL6 M . 15.78 -14.70 -19.32
C7 XL6 M . 10.83 -15.28 -20.54
C8 XL6 M . 15.84 -13.98 -18.09
CL1 XL6 M . 12.27 -12.78 -23.60
CL2 XL6 M . 17.19 -13.21 -21.38
C9 XL6 M . 15.23 -12.28 -23.55
O3 XL6 M . 15.18 -13.14 -24.70
C10 XL6 M . 15.37 -12.64 -25.96
C11 XL6 M . 15.07 -13.45 -27.03
N1 XL6 M . 15.24 -13.04 -28.28
C12 XL6 M . 15.71 -11.78 -28.46
N2 XL6 M . 16.03 -10.93 -27.46
C13 XL6 M . 15.86 -11.36 -26.21
N3 XL6 M . 15.85 -11.40 -29.76
C14 XL6 M . 16.25 -10.18 -30.41
C15 XL6 M . 16.03 -8.91 -29.86
C16 XL6 M . 16.45 -7.75 -30.57
C17 XL6 M . 17.03 -7.88 -31.81
C18 XL6 M . 17.21 -9.13 -32.36
C19 XL6 M . 16.84 -10.28 -31.69
C20 XL6 M . 17.08 -11.61 -32.36
N4 XL6 M . 15.49 -8.69 -28.57
C21 XL6 M . 14.43 -7.93 -28.24
C22 XL6 M . 14.17 -7.84 -26.75
C23 XL6 M . 15.15 -6.94 -26.04
O4 XL6 M . 13.74 -7.36 -29.07
#